data_5X3F
#
_entry.id   5X3F
#
_cell.length_a   140.518
_cell.length_b   153.496
_cell.length_c   205.714
_cell.angle_alpha   90.00
_cell.angle_beta   90.00
_cell.angle_gamma   90.00
#
_symmetry.space_group_name_H-M   'I 2 2 2'
#
loop_
_entity.id
_entity.type
_entity.pdbx_description
1 polymer 'Putrescine aminotransferase,Immunoglobulin G-binding protein A'
2 polymer 'Zpa963,cAMP-dependent protein kinase catalytic subunit alpha'
#
loop_
_entity_poly.entity_id
_entity_poly.type
_entity_poly.pdbx_seq_one_letter_code
_entity_poly.pdbx_strand_id
1 'polypeptide(L)'
;GSHMSASALACSAHALNLIEKRTLDHEEMKALNREVIEYFKEHVNPGFLEYRKSVTAGGDYGAVEWQAGSLNTLVDTQGQ
EFIDCLGGFGIFNVGHRNPVVVSAVQNQLAKQPLHSQELLDPLRAMLAKTLAALTPGKLKYSFFCNSGTESVEAALKLAK
AYQSPRGKFTFIATSGAFHGKSLGALSATAKSTFRKPFMPLLPGFRHVPFGNIEAMRTALNECKKTGDDVAAVILEPIQG
EGGVILPPPGYLTAVRKLCDEFGALMILDEVQTGMGRTGKMFACEHENVQPDILCLAKALGGGVMPIGATIATEEVFSVL
FDNPFLHTTTFGGNPLACAAALATINVLLEQNLPAQAEQKGDMLLDGFRQLAREYPDLVQEARGKGMLMAIEFVDNEIGY
NFASEMFRQRVLVAGTLNNAKTIRIEPPLTLTIEQCELVIKAARKALAAMRQQVAFYEILHLPNLNEEQRNAFIQSLKDD
PSQSANLLAEAKKLNDAQAPK
;
A
2 'polypeptide(L)'
;GSHMVDNKFNKETQEASWEIFTLPNLNGRQVAAFISSLLDDPSQSANLLAEAKKLNDVQAFLAKAKEDFLKKWETPSQNT
AQLDQFDRIKTLGTGSFGRVMLVKHKESGNHYAMKILDKQKVVKLKQIEHTLNEKRILQAVNFPFLVKLEFSFKDNSNLY
MVMEYVAGGEMFSHLRRIGRFSEPHARFYAAQIVLTFEYLHSLDLIYRDLKPENLLIDQQGYIQVTDFGFAKRVKGRTW
(TPO)LCGTPEYLAPEIILSKGYNKAVDWWALGVLIYEMAAGYPPFFADQPIQIYEKIVSGKVRFPSHFSSDLKDLLRNL
LQVDLTKRFGNLKNGVNDIKNHKWFATTDWIAIYQRKVEAPFIPKFKGPGDTSNFDDYEEEEIRVSINEKCGKEFTEF
;
B
#
# COMPACT_ATOMS: atom_id res chain seq x y z
N SER A 7 -26.26 18.31 -19.52
CA SER A 7 -26.68 17.78 -20.84
C SER A 7 -25.76 16.67 -21.32
N ALA A 8 -26.25 15.88 -22.28
CA ALA A 8 -25.43 14.84 -22.89
C ALA A 8 -24.33 15.50 -23.71
N LEU A 9 -24.67 16.63 -24.33
CA LEU A 9 -23.70 17.46 -25.01
C LEU A 9 -22.58 17.89 -24.07
N ALA A 10 -22.98 18.30 -22.87
CA ALA A 10 -22.03 18.68 -21.81
C ALA A 10 -21.09 17.53 -21.46
N CYS A 11 -21.67 16.39 -21.06
CA CYS A 11 -20.93 15.19 -20.61
C CYS A 11 -20.02 14.64 -21.68
N SER A 12 -20.43 14.78 -22.94
CA SER A 12 -19.62 14.31 -24.06
C SER A 12 -18.34 15.13 -24.14
N ALA A 13 -18.48 16.46 -24.12
CA ALA A 13 -17.34 17.34 -24.24
C ALA A 13 -16.32 17.15 -23.12
N HIS A 14 -16.78 17.08 -21.87
CA HIS A 14 -15.88 16.92 -20.71
C HIS A 14 -15.05 15.65 -20.82
N ALA A 15 -15.67 14.59 -21.31
CA ALA A 15 -14.97 13.34 -21.51
C ALA A 15 -14.10 13.44 -22.75
N LEU A 16 -14.53 14.28 -23.70
CA LEU A 16 -13.78 14.46 -24.93
C LEU A 16 -12.49 15.20 -24.67
N ASN A 17 -12.53 16.22 -23.83
CA ASN A 17 -11.30 16.98 -23.54
C ASN A 17 -10.27 16.19 -22.69
N LEU A 18 -10.81 15.28 -21.88
CA LEU A 18 -10.00 14.46 -20.99
C LEU A 18 -9.18 13.45 -21.81
N ILE A 19 -9.71 13.07 -22.95
CA ILE A 19 -9.03 12.17 -23.88
C ILE A 19 -7.77 12.88 -24.36
N GLU A 20 -7.92 14.17 -24.60
CA GLU A 20 -6.86 15.00 -25.12
C GLU A 20 -5.74 15.22 -24.12
N LYS A 21 -6.10 15.51 -22.86
CA LYS A 21 -5.16 15.61 -21.73
C LYS A 21 -4.27 14.37 -21.67
N ARG A 22 -2.97 14.60 -21.47
CA ARG A 22 -2.03 13.51 -21.34
C ARG A 22 -1.45 13.34 -19.93
N THR A 23 -1.37 14.43 -19.17
CA THR A 23 -1.00 14.35 -17.73
C THR A 23 -1.96 15.11 -16.81
N LEU A 24 -1.91 14.83 -15.50
CA LEU A 24 -2.87 15.41 -14.55
C LEU A 24 -2.29 16.03 -13.30
N ASP A 25 -2.70 17.26 -12.97
CA ASP A 25 -2.46 17.83 -11.62
C ASP A 25 -3.12 16.95 -10.59
N HIS A 26 -2.48 16.81 -9.43
CA HIS A 26 -2.97 15.99 -8.33
C HIS A 26 -4.45 16.21 -7.95
N GLU A 27 -5.00 17.39 -8.18
CA GLU A 27 -6.40 17.60 -7.86
C GLU A 27 -7.29 17.39 -9.08
N GLU A 28 -6.66 17.52 -10.23
CA GLU A 28 -7.24 17.06 -11.49
C GLU A 28 -7.39 15.57 -11.41
N MET A 29 -6.40 14.90 -10.81
CA MET A 29 -6.55 13.51 -10.45
C MET A 29 -7.69 13.25 -9.47
N LYS A 30 -7.63 13.83 -8.28
CA LYS A 30 -8.67 13.63 -7.28
C LYS A 30 -10.04 13.79 -7.93
N ALA A 31 -10.20 14.87 -8.69
CA ALA A 31 -11.46 15.17 -9.38
C ALA A 31 -11.99 13.95 -10.15
N LEU A 32 -11.15 13.52 -11.08
CA LEU A 32 -11.37 12.37 -11.93
C LEU A 32 -11.84 11.17 -11.11
N ASN A 33 -10.93 10.58 -10.35
CA ASN A 33 -11.23 9.39 -9.55
C ASN A 33 -12.54 9.44 -8.79
N ARG A 34 -12.99 10.65 -8.43
CA ARG A 34 -14.25 10.70 -7.70
C ARG A 34 -15.45 10.66 -8.63
N GLU A 35 -15.36 11.22 -9.84
CA GLU A 35 -16.44 11.07 -10.84
C GLU A 35 -16.54 9.62 -11.26
N VAL A 36 -15.38 9.07 -11.64
CA VAL A 36 -15.30 7.70 -12.10
C VAL A 36 -15.85 6.72 -11.06
N ILE A 37 -15.62 6.96 -9.77
CA ILE A 37 -16.27 6.09 -8.79
C ILE A 37 -17.76 6.41 -8.76
N GLU A 38 -18.08 7.69 -8.82
CA GLU A 38 -19.45 8.14 -8.73
C GLU A 38 -20.30 7.56 -9.83
N TYR A 39 -19.81 7.67 -11.06
CA TYR A 39 -20.48 7.10 -12.21
C TYR A 39 -20.56 5.59 -12.18
N PHE A 40 -19.44 4.90 -11.89
CA PHE A 40 -19.49 3.46 -11.76
C PHE A 40 -20.59 3.03 -10.83
N LYS A 41 -20.84 3.80 -9.78
CA LYS A 41 -21.88 3.42 -8.86
C LYS A 41 -23.28 3.65 -9.44
N GLU A 42 -23.43 4.68 -10.27
CA GLU A 42 -24.77 5.10 -10.73
C GLU A 42 -25.14 4.81 -12.17
N HIS A 43 -24.22 4.26 -12.96
CA HIS A 43 -24.48 4.04 -14.38
C HIS A 43 -23.85 2.78 -14.93
N VAL A 44 -22.82 2.27 -14.25
CA VAL A 44 -22.11 1.08 -14.68
C VAL A 44 -22.57 -0.11 -13.84
N ASN A 45 -22.06 -0.25 -12.62
CA ASN A 45 -22.43 -1.35 -11.71
C ASN A 45 -21.88 -0.78 -10.39
N PRO A 46 -22.61 -0.96 -9.28
CA PRO A 46 -22.03 -0.59 -8.01
C PRO A 46 -21.21 -1.71 -7.50
N GLY A 47 -21.59 -2.93 -7.85
CA GLY A 47 -20.82 -4.12 -7.55
C GLY A 47 -19.33 -4.24 -7.83
N PHE A 48 -18.91 -3.66 -8.94
CA PHE A 48 -17.50 -3.65 -9.30
C PHE A 48 -16.64 -2.85 -8.33
N LEU A 49 -17.35 -2.09 -7.48
CA LEU A 49 -16.76 -1.21 -6.46
C LEU A 49 -16.72 -2.02 -5.22
N GLU A 50 -17.44 -3.14 -5.20
CA GLU A 50 -17.53 -3.96 -3.99
C GLU A 50 -16.56 -5.10 -4.08
N TYR A 51 -16.47 -5.70 -5.26
CA TYR A 51 -15.76 -6.96 -5.39
C TYR A 51 -14.40 -6.90 -6.04
N ARG A 52 -14.08 -5.76 -6.63
CA ARG A 52 -12.83 -5.62 -7.37
C ARG A 52 -11.64 -5.25 -6.50
N LYS A 53 -10.47 -5.71 -6.83
CA LYS A 53 -9.31 -5.37 -6.01
C LYS A 53 -8.79 -3.96 -6.20
N SER A 54 -9.29 -3.25 -7.20
CA SER A 54 -8.87 -1.88 -7.48
C SER A 54 -9.44 -0.87 -6.53
N VAL A 55 -10.44 -1.25 -5.76
CA VAL A 55 -11.04 -0.33 -4.85
C VAL A 55 -10.87 -0.78 -3.42
N THR A 56 -10.93 -2.09 -3.21
CA THR A 56 -10.74 -2.63 -1.87
C THR A 56 -9.36 -2.26 -1.43
N ALA A 57 -8.37 -2.54 -2.29
CA ALA A 57 -6.99 -2.22 -2.00
C ALA A 57 -6.58 -0.93 -2.70
N GLY A 58 -7.57 -0.21 -3.21
CA GLY A 58 -7.32 1.05 -3.93
C GLY A 58 -6.45 2.03 -3.18
N GLY A 59 -6.75 2.23 -1.91
CA GLY A 59 -6.03 3.20 -1.11
C GLY A 59 -7.01 4.26 -0.72
N ASP A 60 -6.61 5.52 -0.82
CA ASP A 60 -7.51 6.60 -0.50
C ASP A 60 -8.39 6.77 -1.68
N TYR A 61 -7.80 6.55 -2.83
CA TYR A 61 -8.52 6.61 -4.10
C TYR A 61 -8.43 5.24 -4.78
N GLY A 62 -9.23 5.00 -5.81
CA GLY A 62 -9.21 3.66 -6.44
C GLY A 62 -8.07 3.61 -7.42
N ALA A 63 -7.82 2.52 -8.09
CA ALA A 63 -6.73 2.70 -9.00
C ALA A 63 -7.26 2.86 -10.40
N VAL A 64 -7.71 4.05 -10.73
CA VAL A 64 -8.24 4.31 -12.04
C VAL A 64 -7.19 4.32 -13.12
N GLU A 65 -7.41 3.55 -14.18
CA GLU A 65 -6.50 3.45 -15.30
C GLU A 65 -6.24 4.78 -15.98
N TRP A 66 -5.06 4.94 -16.53
CA TRP A 66 -4.75 6.16 -17.24
C TRP A 66 -4.15 5.89 -18.60
N GLN A 67 -2.97 5.29 -18.65
CA GLN A 67 -2.35 4.99 -19.92
C GLN A 67 -1.29 3.90 -19.79
N ALA A 68 -0.88 3.33 -20.90
CA ALA A 68 0.13 2.26 -20.85
C ALA A 68 1.50 2.84 -20.47
N GLY A 69 2.29 2.08 -19.71
CA GLY A 69 3.64 2.49 -19.31
C GLY A 69 4.68 2.13 -20.36
N SER A 70 5.33 0.99 -20.15
CA SER A 70 6.12 0.32 -21.20
C SER A 70 5.24 -0.81 -21.79
N LEU A 71 5.85 -1.77 -22.50
CA LEU A 71 5.13 -2.95 -23.00
C LEU A 71 4.44 -3.76 -21.92
N ASN A 72 4.99 -3.75 -20.71
CA ASN A 72 4.51 -4.61 -19.64
C ASN A 72 3.95 -3.80 -18.50
N THR A 73 3.97 -2.48 -18.60
CA THR A 73 3.55 -1.68 -17.47
C THR A 73 2.35 -0.80 -17.72
N LEU A 74 1.62 -0.50 -16.64
CA LEU A 74 0.42 0.32 -16.69
C LEU A 74 0.44 1.36 -15.62
N VAL A 75 0.04 2.57 -16.00
CA VAL A 75 0.12 3.73 -15.10
C VAL A 75 -1.25 4.38 -14.83
N ASP A 76 -1.64 4.42 -13.56
CA ASP A 76 -2.96 4.96 -13.18
C ASP A 76 -2.96 6.48 -13.07
N THR A 77 -4.05 7.08 -12.57
CA THR A 77 -4.18 8.54 -12.59
C THR A 77 -3.33 9.23 -11.53
N GLN A 78 -2.65 8.44 -10.71
CA GLN A 78 -1.78 8.96 -9.68
C GLN A 78 -0.34 8.85 -10.13
N GLY A 79 -0.12 8.21 -11.27
CA GLY A 79 1.24 7.95 -11.75
C GLY A 79 1.88 6.65 -11.28
N GLN A 80 1.19 5.87 -10.44
CA GLN A 80 1.70 4.56 -9.99
C GLN A 80 1.80 3.57 -11.16
N GLU A 81 2.98 2.98 -11.37
CA GLU A 81 3.23 2.07 -12.52
C GLU A 81 3.09 0.62 -12.09
N PHE A 82 2.24 -0.14 -12.78
CA PHE A 82 1.94 -1.54 -12.49
C PHE A 82 2.55 -2.51 -13.49
N ILE A 83 3.12 -3.62 -13.00
CA ILE A 83 3.52 -4.74 -13.88
C ILE A 83 2.28 -5.61 -14.13
N ASP A 84 1.91 -5.79 -15.40
CA ASP A 84 0.74 -6.58 -15.76
C ASP A 84 1.01 -8.09 -15.80
N CYS A 85 0.69 -8.80 -14.71
CA CYS A 85 0.77 -10.26 -14.75
C CYS A 85 -0.61 -10.87 -14.91
N LEU A 86 -1.48 -10.06 -15.53
CA LEU A 86 -2.84 -10.45 -15.89
C LEU A 86 -2.96 -10.45 -17.40
N GLY A 87 -2.38 -9.44 -18.02
CA GLY A 87 -2.42 -9.31 -19.47
C GLY A 87 -3.84 -9.40 -19.99
N GLY A 88 -4.75 -8.76 -19.26
CA GLY A 88 -6.17 -8.68 -19.66
C GLY A 88 -6.77 -10.06 -19.88
N PHE A 89 -6.35 -11.01 -19.03
CA PHE A 89 -6.74 -12.43 -19.13
C PHE A 89 -6.41 -13.02 -20.48
N GLY A 90 -5.19 -12.79 -20.94
CA GLY A 90 -4.71 -13.42 -22.18
C GLY A 90 -4.88 -12.53 -23.40
N ILE A 91 -5.18 -11.25 -23.19
CA ILE A 91 -5.28 -10.28 -24.27
C ILE A 91 -3.88 -9.80 -24.69
N PHE A 92 -3.13 -9.23 -23.76
CA PHE A 92 -1.95 -8.45 -24.12
C PHE A 92 -0.70 -9.28 -24.43
N ASN A 93 -0.82 -10.26 -25.32
CA ASN A 93 0.28 -11.18 -25.63
C ASN A 93 1.53 -10.52 -26.18
N VAL A 94 1.37 -9.42 -26.88
CA VAL A 94 2.55 -8.72 -27.40
C VAL A 94 2.77 -7.41 -26.65
N GLY A 95 2.18 -7.32 -25.47
CA GLY A 95 2.37 -6.20 -24.56
C GLY A 95 1.43 -5.06 -24.87
N HIS A 96 1.45 -4.05 -24.01
CA HIS A 96 0.59 -2.88 -24.22
C HIS A 96 1.17 -1.98 -25.29
N ARG A 97 0.31 -1.55 -26.21
CA ARG A 97 0.68 -0.65 -27.28
C ARG A 97 1.94 -1.07 -28.05
N ASN A 98 2.04 -2.35 -28.38
CA ASN A 98 3.16 -2.83 -29.18
C ASN A 98 3.31 -1.98 -30.44
N PRO A 99 4.41 -1.23 -30.54
CA PRO A 99 4.66 -0.19 -31.52
C PRO A 99 4.37 -0.63 -32.96
N VAL A 100 4.60 -1.91 -33.25
CA VAL A 100 4.36 -2.51 -34.57
C VAL A 100 2.87 -2.66 -34.88
N VAL A 101 2.07 -2.91 -33.83
CA VAL A 101 0.62 -3.05 -33.96
C VAL A 101 -0.04 -1.68 -33.98
N VAL A 102 0.49 -0.75 -33.20
CA VAL A 102 -0.17 0.52 -33.04
C VAL A 102 -0.09 1.32 -34.31
N SER A 103 0.98 1.15 -35.07
CA SER A 103 1.13 1.91 -36.31
C SER A 103 0.42 1.24 -37.48
N ALA A 104 0.40 -0.09 -37.47
CA ALA A 104 -0.41 -0.81 -38.45
C ALA A 104 -1.89 -0.37 -38.34
N VAL A 105 -2.33 -0.09 -37.11
CA VAL A 105 -3.70 0.36 -36.81
C VAL A 105 -3.91 1.79 -37.25
N GLN A 106 -2.92 2.64 -36.94
CA GLN A 106 -2.95 4.07 -37.17
C GLN A 106 -2.81 4.38 -38.63
N ASN A 107 -2.04 3.54 -39.34
CA ASN A 107 -2.01 3.57 -40.79
C ASN A 107 -3.39 3.32 -41.32
N GLN A 108 -3.87 2.09 -41.11
CA GLN A 108 -5.20 1.70 -41.55
C GLN A 108 -6.28 2.70 -41.17
N LEU A 109 -6.10 3.37 -40.03
CA LEU A 109 -6.99 4.44 -39.60
C LEU A 109 -6.96 5.67 -40.53
N ALA A 110 -5.84 5.91 -41.19
CA ALA A 110 -5.72 7.03 -42.13
C ALA A 110 -6.46 6.78 -43.45
N LYS A 111 -6.72 5.51 -43.77
CA LYS A 111 -7.24 5.08 -45.07
C LYS A 111 -8.74 4.80 -45.03
N GLN A 112 -9.15 3.83 -44.18
CA GLN A 112 -10.55 3.42 -44.03
C GLN A 112 -10.74 2.43 -42.87
N PRO A 113 -11.31 2.90 -41.76
CA PRO A 113 -11.40 2.16 -40.49
C PRO A 113 -12.33 0.94 -40.54
N LEU A 114 -13.52 1.15 -41.11
CA LEU A 114 -14.51 0.10 -41.36
C LEU A 114 -14.88 0.04 -42.82
N HIS A 115 -15.35 -1.15 -43.23
CA HIS A 115 -15.69 -1.45 -44.61
C HIS A 115 -17.12 -1.09 -44.96
N SER A 116 -17.43 -1.07 -46.26
CA SER A 116 -18.75 -0.70 -46.71
C SER A 116 -19.69 -1.86 -46.66
N GLN A 117 -19.13 -3.06 -46.70
CA GLN A 117 -19.95 -4.24 -46.74
C GLN A 117 -20.53 -4.53 -48.12
N GLU A 118 -19.97 -3.89 -49.14
CA GLU A 118 -20.36 -4.23 -50.46
C GLU A 118 -19.19 -4.48 -51.36
N LEU A 119 -18.10 -3.82 -51.07
CA LEU A 119 -16.92 -3.96 -51.89
C LEU A 119 -15.87 -4.81 -51.29
N LEU A 120 -15.24 -5.65 -52.11
CA LEU A 120 -14.33 -6.64 -51.57
C LEU A 120 -13.26 -5.91 -50.81
N ASP A 121 -13.30 -6.07 -49.51
CA ASP A 121 -12.29 -5.45 -48.64
C ASP A 121 -11.06 -6.32 -48.60
N PRO A 122 -9.88 -5.73 -48.92
CA PRO A 122 -8.64 -6.48 -49.13
C PRO A 122 -8.01 -7.12 -47.89
N LEU A 123 -8.02 -6.45 -46.73
CA LEU A 123 -7.41 -6.97 -45.50
C LEU A 123 -8.04 -8.24 -44.91
N ARG A 124 -9.30 -8.48 -45.25
CA ARG A 124 -10.03 -9.66 -44.79
C ARG A 124 -9.62 -10.86 -45.61
N ALA A 125 -9.22 -10.63 -46.85
CA ALA A 125 -8.63 -11.69 -47.64
C ALA A 125 -7.25 -12.04 -47.06
N MET A 126 -6.42 -11.01 -46.89
CA MET A 126 -5.06 -11.16 -46.39
C MET A 126 -4.99 -11.88 -45.05
N LEU A 127 -5.92 -11.58 -44.16
CA LEU A 127 -6.01 -12.26 -42.87
C LEU A 127 -6.51 -13.69 -42.99
N ALA A 128 -7.54 -13.86 -43.82
CA ALA A 128 -8.08 -15.18 -44.08
C ALA A 128 -6.99 -16.07 -44.66
N LYS A 129 -6.15 -15.47 -45.51
CA LYS A 129 -5.03 -16.14 -46.14
C LYS A 129 -3.97 -16.52 -45.12
N THR A 130 -3.49 -15.52 -44.40
CA THR A 130 -2.46 -15.70 -43.38
C THR A 130 -2.83 -16.78 -42.37
N LEU A 131 -4.08 -16.72 -41.90
CA LEU A 131 -4.56 -17.66 -40.89
C LEU A 131 -4.60 -19.06 -41.43
N ALA A 132 -4.96 -19.18 -42.70
CA ALA A 132 -4.89 -20.46 -43.41
C ALA A 132 -3.45 -20.99 -43.33
N ALA A 133 -2.50 -20.11 -43.66
CA ALA A 133 -1.08 -20.44 -43.58
C ALA A 133 -0.68 -20.85 -42.18
N LEU A 134 -1.07 -20.05 -41.18
CA LEU A 134 -0.66 -20.23 -39.80
C LEU A 134 -1.26 -21.46 -39.08
N THR A 135 -2.45 -21.90 -39.52
CA THR A 135 -3.17 -23.01 -38.88
C THR A 135 -2.84 -24.41 -39.44
N PRO A 136 -2.63 -25.37 -38.52
CA PRO A 136 -2.31 -26.79 -38.77
C PRO A 136 -3.32 -27.48 -39.67
N GLY A 137 -2.86 -28.48 -40.44
CA GLY A 137 -3.75 -29.32 -41.27
C GLY A 137 -4.66 -28.56 -42.20
N LYS A 138 -5.83 -29.13 -42.47
CA LYS A 138 -6.76 -28.62 -43.48
C LYS A 138 -7.65 -27.44 -43.10
N LEU A 139 -7.40 -26.76 -41.99
CA LEU A 139 -8.10 -25.52 -41.65
C LEU A 139 -7.75 -24.44 -42.67
N LYS A 140 -8.77 -23.97 -43.39
CA LYS A 140 -8.60 -23.15 -44.59
C LYS A 140 -9.41 -21.85 -44.58
N TYR A 141 -10.67 -21.93 -44.22
CA TYR A 141 -11.54 -20.76 -44.22
C TYR A 141 -11.65 -20.08 -42.88
N SER A 142 -11.59 -18.74 -42.90
CA SER A 142 -11.78 -18.00 -41.67
C SER A 142 -13.09 -17.19 -41.75
N PHE A 143 -13.85 -17.21 -40.67
CA PHE A 143 -14.91 -16.25 -40.45
C PHE A 143 -14.45 -15.24 -39.41
N PHE A 144 -14.84 -13.98 -39.56
CA PHE A 144 -14.42 -12.95 -38.61
C PHE A 144 -15.55 -12.25 -37.87
N CYS A 145 -15.43 -12.25 -36.54
CA CYS A 145 -16.38 -11.60 -35.67
C CYS A 145 -15.66 -10.63 -34.72
N ASN A 146 -16.24 -10.38 -33.56
CA ASN A 146 -15.76 -9.31 -32.70
C ASN A 146 -15.23 -9.73 -31.35
N SER A 147 -15.44 -10.96 -30.95
CA SER A 147 -15.11 -11.34 -29.58
C SER A 147 -14.92 -12.82 -29.49
N GLY A 148 -14.74 -13.31 -28.27
CA GLY A 148 -14.46 -14.70 -28.07
C GLY A 148 -15.75 -15.46 -28.05
N THR A 149 -16.81 -14.78 -27.60
CA THR A 149 -18.10 -15.39 -27.52
C THR A 149 -18.71 -15.52 -28.93
N GLU A 150 -18.57 -14.48 -29.75
CA GLU A 150 -19.09 -14.51 -31.10
C GLU A 150 -18.34 -15.57 -31.91
N SER A 151 -17.08 -15.78 -31.55
CA SER A 151 -16.22 -16.83 -32.08
C SER A 151 -16.90 -18.20 -31.99
N VAL A 152 -17.21 -18.59 -30.76
CA VAL A 152 -17.78 -19.90 -30.43
C VAL A 152 -19.18 -20.08 -30.99
N GLU A 153 -20.00 -19.06 -30.86
CA GLU A 153 -21.33 -18.99 -31.47
C GLU A 153 -21.31 -19.38 -32.95
N ALA A 154 -20.42 -18.77 -33.73
CA ALA A 154 -20.36 -19.06 -35.14
C ALA A 154 -19.93 -20.52 -35.31
N ALA A 155 -18.95 -20.95 -34.51
CA ALA A 155 -18.50 -22.35 -34.49
C ALA A 155 -19.68 -23.31 -34.26
N LEU A 156 -20.47 -23.00 -33.23
CA LEU A 156 -21.68 -23.77 -32.96
C LEU A 156 -22.59 -23.76 -34.18
N LYS A 157 -22.70 -22.60 -34.83
CA LYS A 157 -23.57 -22.47 -35.99
C LYS A 157 -23.05 -23.27 -37.17
N LEU A 158 -21.72 -23.33 -37.36
CA LEU A 158 -21.14 -24.09 -38.45
C LEU A 158 -21.40 -25.55 -38.27
N ALA A 159 -21.00 -26.08 -37.12
CA ALA A 159 -21.29 -27.44 -36.71
C ALA A 159 -22.77 -27.80 -36.90
N LYS A 160 -23.65 -26.91 -36.45
CA LYS A 160 -25.09 -27.11 -36.59
C LYS A 160 -25.47 -27.28 -38.04
N ALA A 161 -25.21 -26.25 -38.84
CA ALA A 161 -25.56 -26.27 -40.26
C ALA A 161 -24.94 -27.43 -41.03
N TYR A 162 -23.77 -27.86 -40.58
CA TYR A 162 -23.15 -29.05 -41.14
C TYR A 162 -23.90 -30.30 -40.71
N GLN A 163 -24.14 -30.45 -39.41
CA GLN A 163 -24.51 -31.75 -38.85
C GLN A 163 -25.99 -32.08 -38.82
N SER A 164 -26.85 -31.08 -38.66
CA SER A 164 -28.30 -31.28 -38.71
C SER A 164 -28.87 -31.93 -39.99
N PRO A 165 -28.30 -31.65 -41.19
CA PRO A 165 -28.79 -32.41 -42.33
C PRO A 165 -28.45 -33.90 -42.21
N ARG A 166 -27.44 -34.20 -41.40
CA ARG A 166 -27.02 -35.57 -41.20
C ARG A 166 -27.67 -36.17 -39.97
N GLY A 167 -28.60 -35.43 -39.37
CA GLY A 167 -29.43 -35.95 -38.26
C GLY A 167 -28.76 -35.99 -36.90
N LYS A 168 -27.85 -35.06 -36.67
CA LYS A 168 -27.05 -35.00 -35.44
C LYS A 168 -27.20 -33.64 -34.75
N PHE A 169 -27.73 -33.64 -33.53
CA PHE A 169 -28.09 -32.38 -32.89
C PHE A 169 -27.45 -32.13 -31.53
N THR A 170 -27.00 -33.19 -30.85
CA THR A 170 -26.46 -33.09 -29.50
C THR A 170 -25.03 -32.55 -29.52
N PHE A 171 -24.67 -31.77 -28.50
CA PHE A 171 -23.32 -31.24 -28.32
C PHE A 171 -22.70 -31.60 -26.97
N ILE A 172 -21.59 -32.33 -26.96
CA ILE A 172 -20.86 -32.57 -25.71
C ILE A 172 -19.90 -31.44 -25.43
N ALA A 173 -19.93 -30.88 -24.22
CA ALA A 173 -18.93 -29.89 -23.78
C ALA A 173 -18.36 -30.43 -22.50
N THR A 174 -17.45 -29.73 -21.82
CA THR A 174 -16.85 -30.28 -20.58
C THR A 174 -17.05 -29.46 -19.30
N SER A 175 -17.22 -30.11 -18.15
CA SER A 175 -17.42 -29.38 -16.89
C SER A 175 -16.19 -28.58 -16.49
N GLY A 176 -16.38 -27.29 -16.26
CA GLY A 176 -15.27 -26.39 -15.97
C GLY A 176 -14.96 -25.56 -17.17
N ALA A 177 -15.56 -25.93 -18.30
CA ALA A 177 -15.33 -25.22 -19.54
C ALA A 177 -15.96 -23.84 -19.53
N PHE A 178 -15.20 -22.87 -20.02
CA PHE A 178 -15.74 -21.57 -20.34
C PHE A 178 -15.63 -21.34 -21.85
N HIS A 179 -16.67 -20.77 -22.46
CA HIS A 179 -16.68 -20.58 -23.90
C HIS A 179 -17.34 -19.29 -24.31
N GLY A 180 -17.97 -18.60 -23.36
CA GLY A 180 -18.69 -17.37 -23.67
C GLY A 180 -19.91 -17.13 -22.84
N LYS A 181 -20.33 -15.87 -22.77
CA LYS A 181 -21.46 -15.50 -21.93
C LYS A 181 -22.71 -15.23 -22.74
N SER A 182 -22.62 -15.33 -24.05
CA SER A 182 -23.81 -15.14 -24.87
C SER A 182 -24.58 -16.43 -24.95
N LEU A 183 -25.91 -16.35 -25.01
CA LEU A 183 -26.77 -17.51 -24.80
C LEU A 183 -26.38 -18.79 -25.52
N GLY A 184 -25.80 -18.67 -26.70
CA GLY A 184 -25.38 -19.86 -27.43
C GLY A 184 -24.17 -20.52 -26.83
N ALA A 185 -23.14 -19.72 -26.58
CA ALA A 185 -21.91 -20.22 -25.97
C ALA A 185 -22.14 -20.60 -24.52
N LEU A 186 -23.07 -19.90 -23.87
CA LEU A 186 -23.36 -20.15 -22.47
C LEU A 186 -24.03 -21.51 -22.31
N SER A 187 -24.46 -22.09 -23.44
CA SER A 187 -25.04 -23.42 -23.39
C SER A 187 -23.95 -24.48 -23.26
N ALA A 188 -22.77 -24.18 -23.78
CA ALA A 188 -21.55 -24.98 -23.64
C ALA A 188 -20.62 -24.66 -22.48
N THR A 189 -20.54 -23.39 -22.09
CA THR A 189 -19.91 -22.95 -20.81
C THR A 189 -20.54 -23.73 -19.66
N ALA A 190 -19.77 -24.00 -18.62
CA ALA A 190 -20.18 -25.04 -17.69
C ALA A 190 -20.44 -24.67 -16.26
N LYS A 191 -19.95 -23.53 -15.79
CA LYS A 191 -20.13 -23.20 -14.40
C LYS A 191 -21.60 -22.91 -14.06
N SER A 192 -22.07 -23.50 -12.97
CA SER A 192 -23.43 -23.32 -12.46
C SER A 192 -23.91 -21.87 -12.35
N THR A 193 -23.18 -21.10 -11.55
CA THR A 193 -23.30 -19.66 -11.35
C THR A 193 -23.62 -18.82 -12.58
N PHE A 194 -22.96 -19.14 -13.68
CA PHE A 194 -23.01 -18.34 -14.91
C PHE A 194 -24.20 -18.65 -15.80
N ARG A 195 -24.75 -19.83 -15.57
CA ARG A 195 -25.74 -20.43 -16.41
C ARG A 195 -27.11 -20.33 -15.78
N LYS A 196 -27.23 -20.65 -14.50
CA LYS A 196 -28.55 -20.87 -13.89
C LYS A 196 -29.61 -19.80 -14.10
N PRO A 197 -29.32 -18.50 -13.86
CA PRO A 197 -30.36 -17.45 -14.02
C PRO A 197 -31.00 -17.34 -15.42
N PHE A 198 -30.30 -17.79 -16.44
CA PHE A 198 -30.70 -17.56 -17.82
C PHE A 198 -31.29 -18.82 -18.44
N MET A 199 -31.37 -19.87 -17.65
CA MET A 199 -31.97 -21.09 -18.15
C MET A 199 -33.45 -20.84 -18.35
N PRO A 200 -34.09 -21.55 -19.30
CA PRO A 200 -33.54 -22.63 -20.16
C PRO A 200 -32.70 -22.14 -21.37
N LEU A 201 -31.49 -22.72 -21.50
CA LEU A 201 -30.57 -22.43 -22.60
C LEU A 201 -30.82 -23.40 -23.74
N LEU A 202 -29.88 -23.45 -24.68
CA LEU A 202 -30.06 -24.28 -25.86
C LEU A 202 -30.28 -25.74 -25.50
N PRO A 203 -31.31 -26.36 -26.08
CA PRO A 203 -31.53 -27.75 -25.78
C PRO A 203 -30.49 -28.65 -26.46
N GLY A 204 -30.05 -29.65 -25.71
CA GLY A 204 -29.18 -30.69 -26.25
C GLY A 204 -27.68 -30.55 -26.03
N PHE A 205 -27.30 -29.80 -25.01
CA PHE A 205 -25.90 -29.66 -24.58
C PHE A 205 -25.64 -30.45 -23.30
N ARG A 206 -24.67 -31.38 -23.37
CA ARG A 206 -24.41 -32.30 -22.25
C ARG A 206 -22.94 -32.26 -21.82
N HIS A 207 -22.69 -32.07 -20.53
CA HIS A 207 -21.32 -31.99 -20.07
C HIS A 207 -20.70 -33.28 -19.49
N VAL A 208 -19.42 -33.49 -19.82
CA VAL A 208 -18.65 -34.60 -19.29
C VAL A 208 -17.43 -34.04 -18.57
N PRO A 209 -16.84 -34.82 -17.64
CA PRO A 209 -15.60 -34.35 -17.04
C PRO A 209 -14.41 -34.17 -18.01
N PHE A 210 -13.63 -33.14 -17.74
CA PHE A 210 -12.48 -32.78 -18.56
C PHE A 210 -11.32 -33.70 -18.30
N GLY A 211 -10.54 -34.00 -19.33
CA GLY A 211 -9.39 -34.90 -19.19
C GLY A 211 -9.72 -36.39 -19.06
N ASN A 212 -10.99 -36.74 -19.29
CA ASN A 212 -11.55 -38.09 -19.08
C ASN A 212 -12.06 -38.75 -20.38
N ILE A 213 -11.19 -39.45 -21.11
CA ILE A 213 -11.55 -40.00 -22.42
C ILE A 213 -12.50 -41.18 -22.28
N GLU A 214 -12.35 -41.90 -21.17
CA GLU A 214 -13.23 -42.99 -20.77
C GLU A 214 -14.67 -42.48 -20.63
N ALA A 215 -14.84 -41.26 -20.13
CA ALA A 215 -16.18 -40.66 -19.98
C ALA A 215 -16.81 -40.27 -21.31
N MET A 216 -16.02 -39.60 -22.15
CA MET A 216 -16.52 -39.02 -23.37
C MET A 216 -16.92 -40.09 -24.37
N ARG A 217 -16.32 -41.27 -24.24
CA ARG A 217 -16.72 -42.40 -25.04
C ARG A 217 -18.13 -42.76 -24.65
N THR A 218 -18.40 -42.86 -23.36
CA THR A 218 -19.70 -43.26 -22.88
C THR A 218 -20.79 -42.27 -23.25
N ALA A 219 -20.46 -40.98 -23.25
CA ALA A 219 -21.45 -39.97 -23.68
C ALA A 219 -21.76 -40.13 -25.14
N LEU A 220 -20.72 -40.15 -25.97
CA LEU A 220 -20.87 -40.37 -27.40
C LEU A 220 -21.58 -41.69 -27.71
N ASN A 221 -21.42 -42.67 -26.85
CA ASN A 221 -22.03 -43.95 -27.12
C ASN A 221 -23.44 -44.01 -26.64
N GLU A 222 -23.71 -43.46 -25.47
CA GLU A 222 -25.07 -43.48 -24.93
C GLU A 222 -26.00 -42.73 -25.86
N CYS A 223 -25.52 -41.60 -26.38
CA CYS A 223 -26.27 -40.75 -27.27
C CYS A 223 -26.55 -41.46 -28.57
N LYS A 224 -25.56 -42.19 -29.06
CA LYS A 224 -25.72 -43.04 -30.20
C LYS A 224 -26.88 -44.02 -29.98
N LYS A 225 -26.81 -44.80 -28.93
CA LYS A 225 -27.83 -45.79 -28.61
C LYS A 225 -29.24 -45.22 -28.56
N THR A 226 -29.41 -44.05 -27.92
CA THR A 226 -30.75 -43.49 -27.70
C THR A 226 -31.28 -42.64 -28.85
N GLY A 227 -30.54 -42.61 -29.96
CA GLY A 227 -30.93 -41.80 -31.13
C GLY A 227 -30.76 -40.29 -30.94
N ASP A 228 -29.75 -39.91 -30.17
CA ASP A 228 -29.47 -38.49 -29.95
C ASP A 228 -28.07 -38.16 -30.33
N ASP A 229 -27.66 -38.65 -31.50
CA ASP A 229 -26.25 -38.70 -31.91
C ASP A 229 -25.58 -37.31 -31.83
N VAL A 230 -24.31 -37.32 -31.45
CA VAL A 230 -23.55 -36.10 -31.15
C VAL A 230 -23.13 -35.35 -32.42
N ALA A 231 -23.55 -34.09 -32.52
CA ALA A 231 -23.15 -33.22 -33.63
C ALA A 231 -21.66 -32.88 -33.56
N ALA A 232 -21.22 -32.41 -32.40
CA ALA A 232 -19.87 -31.93 -32.21
C ALA A 232 -19.49 -31.96 -30.76
N VAL A 233 -18.19 -32.05 -30.53
CA VAL A 233 -17.63 -31.97 -29.19
C VAL A 233 -16.80 -30.70 -29.16
N ILE A 234 -16.94 -29.91 -28.11
CA ILE A 234 -16.26 -28.63 -28.00
C ILE A 234 -15.50 -28.57 -26.69
N LEU A 235 -14.23 -28.24 -26.78
CA LEU A 235 -13.40 -28.16 -25.57
C LEU A 235 -12.24 -27.19 -25.75
N GLU A 236 -11.71 -26.73 -24.62
CA GLU A 236 -10.52 -25.91 -24.66
C GLU A 236 -9.34 -26.85 -24.47
N PRO A 237 -8.15 -26.52 -25.04
CA PRO A 237 -6.93 -27.33 -24.89
C PRO A 237 -6.48 -27.34 -23.44
N ILE A 238 -6.55 -26.17 -22.82
CA ILE A 238 -6.43 -26.04 -21.37
C ILE A 238 -7.62 -25.24 -20.86
N GLN A 239 -8.23 -25.69 -19.77
CA GLN A 239 -9.28 -24.91 -19.12
C GLN A 239 -8.63 -23.75 -18.46
N GLY A 240 -8.83 -22.56 -19.02
CA GLY A 240 -8.12 -21.38 -18.57
C GLY A 240 -8.74 -20.78 -17.35
N GLU A 241 -9.97 -20.34 -17.52
CA GLU A 241 -10.73 -19.75 -16.45
C GLU A 241 -11.04 -20.85 -15.49
N GLY A 242 -11.14 -22.04 -16.04
CA GLY A 242 -11.47 -23.22 -15.23
C GLY A 242 -10.38 -23.49 -14.17
N GLY A 243 -9.37 -22.62 -14.09
CA GLY A 243 -8.31 -22.76 -13.10
C GLY A 243 -6.98 -23.28 -13.63
N VAL A 244 -6.72 -23.10 -14.93
CA VAL A 244 -5.50 -23.63 -15.58
C VAL A 244 -5.38 -25.13 -15.34
N ILE A 245 -6.45 -25.82 -15.70
CA ILE A 245 -6.53 -27.27 -15.68
C ILE A 245 -5.76 -27.84 -16.86
N LEU A 246 -4.75 -28.66 -16.63
CA LEU A 246 -4.06 -29.31 -17.76
C LEU A 246 -4.62 -30.71 -17.94
N PRO A 247 -4.98 -31.07 -19.20
CA PRO A 247 -5.48 -32.44 -19.39
C PRO A 247 -4.33 -33.43 -19.48
N PRO A 248 -4.61 -34.73 -19.26
CA PRO A 248 -3.59 -35.77 -19.31
C PRO A 248 -3.00 -35.85 -20.71
N PRO A 249 -1.66 -36.01 -20.80
CA PRO A 249 -1.01 -36.20 -22.10
C PRO A 249 -1.72 -37.27 -22.93
N GLY A 250 -2.00 -36.95 -24.18
CA GLY A 250 -2.66 -37.87 -25.08
C GLY A 250 -4.13 -37.59 -25.25
N TYR A 251 -4.73 -36.87 -24.30
CA TYR A 251 -6.19 -36.58 -24.25
C TYR A 251 -6.74 -35.92 -25.51
N LEU A 252 -6.25 -34.73 -25.82
CA LEU A 252 -6.63 -34.02 -27.04
C LEU A 252 -6.48 -34.87 -28.31
N THR A 253 -5.43 -35.69 -28.36
CA THR A 253 -5.23 -36.59 -29.48
C THR A 253 -6.34 -37.65 -29.44
N ALA A 254 -6.49 -38.30 -28.30
CA ALA A 254 -7.56 -39.31 -28.10
C ALA A 254 -8.99 -38.82 -28.27
N VAL A 255 -9.25 -37.55 -28.00
CA VAL A 255 -10.56 -36.92 -28.27
C VAL A 255 -10.73 -36.84 -29.78
N ARG A 256 -9.71 -36.32 -30.44
CA ARG A 256 -9.66 -36.26 -31.89
C ARG A 256 -9.98 -37.56 -32.61
N LYS A 257 -9.58 -38.72 -32.08
CA LYS A 257 -9.94 -39.98 -32.75
C LYS A 257 -11.36 -40.34 -32.43
N LEU A 258 -11.73 -40.10 -31.19
CA LEU A 258 -13.04 -40.47 -30.72
C LEU A 258 -14.11 -39.78 -31.58
N CYS A 259 -13.92 -38.48 -31.81
CA CYS A 259 -14.68 -37.70 -32.76
C CYS A 259 -14.73 -38.31 -34.13
N ASP A 260 -13.57 -38.68 -34.67
CA ASP A 260 -13.44 -39.25 -36.01
C ASP A 260 -14.19 -40.56 -36.10
N GLU A 261 -14.15 -41.33 -35.02
CA GLU A 261 -14.83 -42.62 -34.93
C GLU A 261 -16.35 -42.48 -35.00
N PHE A 262 -16.90 -41.47 -34.33
CA PHE A 262 -18.37 -41.29 -34.27
C PHE A 262 -18.88 -40.24 -35.25
N GLY A 263 -18.05 -39.85 -36.21
CA GLY A 263 -18.38 -38.76 -37.13
C GLY A 263 -18.91 -37.49 -36.48
N ALA A 264 -18.26 -37.06 -35.39
CA ALA A 264 -18.63 -35.83 -34.68
C ALA A 264 -17.56 -34.80 -34.91
N LEU A 265 -17.96 -33.58 -35.24
CA LEU A 265 -17.01 -32.48 -35.43
C LEU A 265 -16.27 -32.10 -34.14
N MET A 266 -14.98 -31.81 -34.26
CA MET A 266 -14.19 -31.40 -33.11
C MET A 266 -13.91 -29.89 -33.09
N ILE A 267 -14.45 -29.21 -32.09
CA ILE A 267 -14.28 -27.75 -31.99
C ILE A 267 -13.29 -27.42 -30.88
N LEU A 268 -12.27 -26.64 -31.23
CA LEU A 268 -11.26 -26.28 -30.24
C LEU A 268 -11.30 -24.83 -29.85
N ASP A 269 -11.57 -24.59 -28.58
CA ASP A 269 -11.67 -23.24 -28.15
C ASP A 269 -10.31 -22.73 -27.71
N GLU A 270 -9.57 -22.26 -28.70
CA GLU A 270 -8.26 -21.67 -28.44
C GLU A 270 -8.40 -20.14 -28.31
N VAL A 271 -9.40 -19.72 -27.53
CA VAL A 271 -9.61 -18.30 -27.26
C VAL A 271 -8.56 -17.79 -26.29
N GLN A 272 -8.23 -18.59 -25.27
CA GLN A 272 -7.26 -18.18 -24.27
C GLN A 272 -5.89 -18.85 -24.37
N THR A 273 -5.74 -19.82 -25.25
CA THR A 273 -4.46 -20.48 -25.42
C THR A 273 -3.89 -20.28 -26.80
N GLY A 274 -4.58 -19.46 -27.59
CA GLY A 274 -4.15 -19.16 -28.94
C GLY A 274 -3.17 -17.99 -28.93
N MET A 275 -2.51 -17.78 -30.05
CA MET A 275 -1.51 -16.72 -30.24
C MET A 275 -0.33 -16.85 -29.30
N GLY A 276 0.24 -18.05 -29.21
CA GLY A 276 1.58 -18.27 -28.64
C GLY A 276 1.75 -18.27 -27.16
N ARG A 277 0.67 -18.32 -26.40
CA ARG A 277 0.75 -18.22 -24.97
C ARG A 277 1.34 -19.46 -24.30
N THR A 278 1.04 -20.63 -24.85
CA THR A 278 1.42 -21.86 -24.15
C THR A 278 2.77 -22.38 -24.57
N GLY A 279 3.50 -21.62 -25.38
CA GLY A 279 4.72 -22.11 -26.00
C GLY A 279 4.62 -22.24 -27.51
N LYS A 280 3.55 -22.86 -28.01
CA LYS A 280 3.27 -22.95 -29.47
C LYS A 280 2.25 -21.89 -29.93
N MET A 281 2.22 -21.61 -31.24
CA MET A 281 1.29 -20.62 -31.78
C MET A 281 -0.14 -20.97 -31.41
N PHE A 282 -0.44 -22.26 -31.43
CA PHE A 282 -1.72 -22.78 -30.95
C PHE A 282 -1.44 -23.98 -30.05
N ALA A 283 -2.11 -24.06 -28.90
CA ALA A 283 -1.87 -25.14 -27.94
C ALA A 283 -2.04 -26.53 -28.54
N CYS A 284 -2.94 -26.67 -29.52
CA CYS A 284 -3.20 -27.96 -30.15
C CYS A 284 -2.04 -28.46 -31.01
N GLU A 285 -0.93 -27.73 -30.98
CA GLU A 285 0.23 -28.15 -31.72
C GLU A 285 1.20 -28.97 -30.87
N HIS A 286 1.06 -28.90 -29.55
CA HIS A 286 1.88 -29.72 -28.63
C HIS A 286 1.62 -31.23 -28.83
N GLU A 287 0.41 -31.57 -29.26
CA GLU A 287 0.08 -32.94 -29.53
C GLU A 287 -0.26 -33.09 -31.01
N ASN A 288 0.06 -32.02 -31.74
CA ASN A 288 -0.19 -31.91 -33.16
C ASN A 288 -1.58 -32.45 -33.58
N VAL A 289 -2.63 -31.82 -33.04
CA VAL A 289 -4.01 -32.26 -33.28
C VAL A 289 -4.72 -31.22 -34.13
N GLN A 290 -5.35 -31.67 -35.21
CA GLN A 290 -6.13 -30.76 -36.04
C GLN A 290 -7.63 -30.89 -35.83
N PRO A 291 -8.28 -29.82 -35.34
CA PRO A 291 -9.71 -29.81 -35.14
C PRO A 291 -10.44 -29.51 -36.46
N ASP A 292 -11.75 -29.70 -36.48
CA ASP A 292 -12.57 -29.29 -37.61
C ASP A 292 -12.88 -27.82 -37.56
N ILE A 293 -12.86 -27.27 -36.35
CA ILE A 293 -13.15 -25.88 -36.17
C ILE A 293 -12.18 -25.39 -35.11
N LEU A 294 -11.72 -24.14 -35.24
CA LEU A 294 -10.78 -23.52 -34.30
C LEU A 294 -11.27 -22.12 -33.95
N CYS A 295 -11.49 -21.84 -32.66
CA CYS A 295 -11.94 -20.51 -32.24
C CYS A 295 -10.82 -19.62 -31.80
N LEU A 296 -10.65 -18.44 -32.37
CA LEU A 296 -9.62 -17.51 -31.89
C LEU A 296 -10.17 -16.13 -31.55
N ALA A 297 -9.47 -15.43 -30.64
CA ALA A 297 -9.85 -14.09 -30.17
C ALA A 297 -8.82 -13.50 -29.22
N LYS A 298 -9.24 -12.58 -28.37
CA LYS A 298 -8.34 -11.98 -27.39
C LYS A 298 -7.07 -11.43 -28.01
N ALA A 299 -6.01 -12.22 -27.92
CA ALA A 299 -4.68 -11.80 -28.36
C ALA A 299 -4.51 -11.68 -29.87
N LEU A 300 -5.49 -12.17 -30.63
CA LEU A 300 -5.47 -11.99 -32.05
C LEU A 300 -5.57 -10.52 -32.41
N GLY A 301 -6.11 -9.72 -31.50
CA GLY A 301 -6.26 -8.28 -31.73
C GLY A 301 -5.15 -7.43 -31.16
N GLY A 302 -4.00 -8.05 -30.86
CA GLY A 302 -2.81 -7.36 -30.34
C GLY A 302 -3.02 -6.31 -29.27
N GLY A 303 -4.07 -6.50 -28.47
CA GLY A 303 -4.37 -5.62 -27.37
C GLY A 303 -4.68 -4.21 -27.82
N VAL A 304 -4.74 -4.04 -29.12
CA VAL A 304 -5.12 -2.79 -29.70
C VAL A 304 -6.59 -2.88 -30.08
N MET A 305 -6.91 -3.87 -30.91
CA MET A 305 -8.26 -4.12 -31.41
C MET A 305 -8.99 -5.32 -30.80
N PRO A 306 -10.34 -5.28 -30.78
CA PRO A 306 -11.18 -6.44 -30.51
C PRO A 306 -11.40 -7.26 -31.79
N ILE A 307 -11.30 -8.59 -31.69
CA ILE A 307 -11.47 -9.48 -32.85
C ILE A 307 -11.72 -10.94 -32.44
N GLY A 308 -12.41 -11.68 -33.30
CA GLY A 308 -12.59 -13.10 -33.12
C GLY A 308 -12.53 -13.77 -34.48
N ALA A 309 -11.83 -14.88 -34.56
CA ALA A 309 -11.78 -15.62 -35.80
C ALA A 309 -12.25 -17.04 -35.60
N THR A 310 -12.98 -17.55 -36.58
CA THR A 310 -13.38 -18.93 -36.60
C THR A 310 -12.84 -19.60 -37.87
N ILE A 311 -11.80 -20.41 -37.72
CA ILE A 311 -11.20 -21.12 -38.84
C ILE A 311 -11.66 -22.58 -38.89
N ALA A 312 -12.01 -23.04 -40.09
CA ALA A 312 -12.52 -24.39 -40.28
C ALA A 312 -12.01 -25.06 -41.55
N THR A 313 -12.14 -26.38 -41.59
CA THR A 313 -11.80 -27.15 -42.79
C THR A 313 -12.73 -26.76 -43.92
N GLU A 314 -12.39 -27.13 -45.16
CA GLU A 314 -13.24 -26.71 -46.29
C GLU A 314 -14.52 -27.50 -46.24
N GLU A 315 -14.40 -28.75 -45.81
CA GLU A 315 -15.53 -29.68 -45.80
C GLU A 315 -16.67 -29.13 -44.98
N VAL A 316 -16.32 -28.43 -43.90
CA VAL A 316 -17.26 -27.88 -42.95
C VAL A 316 -17.72 -26.46 -43.33
N PHE A 317 -16.78 -25.61 -43.70
CA PHE A 317 -17.14 -24.24 -44.04
C PHE A 317 -17.98 -24.12 -45.32
N SER A 318 -18.00 -25.19 -46.11
CA SER A 318 -18.82 -25.29 -47.31
C SER A 318 -20.25 -24.97 -47.09
N VAL A 319 -20.72 -25.18 -45.86
CA VAL A 319 -22.14 -24.97 -45.57
C VAL A 319 -22.54 -23.54 -45.98
N LEU A 320 -21.69 -22.58 -45.63
CA LEU A 320 -21.94 -21.17 -45.88
C LEU A 320 -21.76 -20.71 -47.33
N PHE A 321 -21.24 -21.58 -48.19
CA PHE A 321 -20.89 -21.22 -49.57
C PHE A 321 -22.07 -20.87 -50.43
N ASP A 322 -23.15 -21.63 -50.28
CA ASP A 322 -24.26 -21.52 -51.18
C ASP A 322 -25.16 -20.32 -50.82
N ASN A 323 -25.18 -19.98 -49.55
CA ASN A 323 -25.85 -18.79 -49.06
C ASN A 323 -24.94 -18.03 -48.09
N PRO A 324 -24.04 -17.20 -48.60
CA PRO A 324 -22.98 -16.64 -47.78
C PRO A 324 -23.47 -15.69 -46.69
N PHE A 325 -24.77 -15.42 -46.70
CA PHE A 325 -25.37 -14.43 -45.81
C PHE A 325 -26.07 -15.08 -44.64
N LEU A 326 -26.12 -16.42 -44.69
CA LEU A 326 -26.60 -17.25 -43.62
C LEU A 326 -26.05 -16.84 -42.25
N HIS A 327 -24.72 -16.70 -42.16
CA HIS A 327 -24.12 -16.14 -40.97
C HIS A 327 -23.21 -14.97 -41.32
N THR A 328 -23.71 -13.75 -41.12
CA THR A 328 -22.89 -12.55 -41.19
C THR A 328 -22.74 -11.90 -39.81
N THR A 329 -21.83 -10.95 -39.71
CA THR A 329 -21.89 -9.98 -38.60
C THR A 329 -21.58 -8.59 -39.15
N THR A 330 -22.11 -7.57 -38.48
CA THR A 330 -21.99 -6.18 -38.92
C THR A 330 -20.55 -5.68 -38.93
N PHE A 331 -19.87 -5.82 -37.79
CA PHE A 331 -18.53 -5.29 -37.68
C PHE A 331 -17.42 -6.28 -38.01
N GLY A 332 -17.73 -7.56 -38.14
CA GLY A 332 -16.70 -8.58 -38.32
C GLY A 332 -15.74 -8.29 -39.45
N GLY A 333 -14.46 -8.59 -39.22
CA GLY A 333 -13.44 -8.41 -40.25
C GLY A 333 -13.20 -6.99 -40.76
N ASN A 334 -13.61 -5.99 -40.00
CA ASN A 334 -13.37 -4.63 -40.40
C ASN A 334 -11.88 -4.38 -40.53
N PRO A 335 -11.49 -3.52 -41.50
CA PRO A 335 -10.12 -3.24 -41.89
C PRO A 335 -9.14 -3.00 -40.78
N LEU A 336 -9.52 -2.26 -39.75
CA LEU A 336 -8.50 -1.83 -38.81
C LEU A 336 -8.35 -2.88 -37.71
N ALA A 337 -9.35 -3.72 -37.55
CA ALA A 337 -9.20 -4.90 -36.70
C ALA A 337 -8.29 -5.91 -37.43
N CYS A 338 -8.58 -6.15 -38.71
CA CYS A 338 -7.71 -6.92 -39.58
C CYS A 338 -6.26 -6.48 -39.44
N ALA A 339 -6.00 -5.19 -39.67
CA ALA A 339 -4.70 -4.55 -39.53
C ALA A 339 -4.03 -5.12 -38.31
N ALA A 340 -4.64 -4.84 -37.16
CA ALA A 340 -4.13 -5.25 -35.86
C ALA A 340 -3.63 -6.68 -35.76
N ALA A 341 -4.37 -7.61 -36.38
CA ALA A 341 -4.05 -9.02 -36.25
C ALA A 341 -2.81 -9.39 -37.05
N LEU A 342 -2.75 -8.85 -38.26
CA LEU A 342 -1.64 -9.08 -39.18
C LEU A 342 -0.36 -8.53 -38.56
N ALA A 343 -0.49 -7.38 -37.92
CA ALA A 343 0.57 -6.82 -37.08
C ALA A 343 0.94 -7.78 -35.95
N THR A 344 -0.06 -8.33 -35.28
CA THR A 344 0.19 -9.22 -34.17
C THR A 344 0.79 -10.51 -34.64
N ILE A 345 0.30 -11.01 -35.77
CA ILE A 345 0.78 -12.25 -36.35
C ILE A 345 2.21 -12.08 -36.84
N ASN A 346 2.50 -10.93 -37.43
CA ASN A 346 3.85 -10.61 -37.83
C ASN A 346 4.81 -10.57 -36.62
N VAL A 347 4.53 -9.74 -35.63
CA VAL A 347 5.36 -9.66 -34.41
C VAL A 347 5.63 -11.02 -33.77
N LEU A 348 4.59 -11.86 -33.68
CA LEU A 348 4.71 -13.15 -32.99
C LEU A 348 5.65 -14.11 -33.70
N LEU A 349 5.75 -13.98 -35.02
CA LEU A 349 6.63 -14.82 -35.80
C LEU A 349 8.01 -14.22 -35.92
N GLU A 350 8.08 -12.88 -36.01
CA GLU A 350 9.35 -12.15 -36.06
C GLU A 350 10.21 -12.33 -34.80
N GLN A 351 9.79 -11.71 -33.69
CA GLN A 351 10.56 -11.75 -32.44
C GLN A 351 10.31 -13.11 -31.82
N ASN A 352 9.65 -13.97 -32.59
CA ASN A 352 9.42 -15.37 -32.25
C ASN A 352 9.03 -15.58 -30.76
N LEU A 353 7.90 -15.00 -30.38
CA LEU A 353 7.48 -14.87 -28.98
C LEU A 353 6.88 -16.15 -28.38
N PRO A 354 6.34 -17.08 -29.21
CA PRO A 354 6.01 -18.39 -28.66
C PRO A 354 7.20 -19.08 -28.00
N ALA A 355 8.37 -18.91 -28.60
CA ALA A 355 9.59 -19.46 -28.04
C ALA A 355 9.99 -18.76 -26.73
N GLN A 356 9.77 -17.44 -26.65
CA GLN A 356 9.92 -16.69 -25.41
C GLN A 356 8.95 -17.16 -24.35
N ALA A 357 7.76 -17.56 -24.80
CA ALA A 357 6.70 -17.93 -23.88
C ALA A 357 7.10 -19.16 -23.10
N GLU A 358 7.81 -20.05 -23.76
CA GLU A 358 8.17 -21.31 -23.13
C GLU A 358 9.31 -21.12 -22.13
N GLN A 359 10.30 -20.27 -22.40
CA GLN A 359 11.40 -20.13 -21.42
C GLN A 359 11.02 -19.27 -20.22
N LYS A 360 10.30 -18.17 -20.47
CA LYS A 360 9.78 -17.31 -19.38
C LYS A 360 8.67 -18.03 -18.64
N GLY A 361 7.94 -18.87 -19.37
CA GLY A 361 6.83 -19.63 -18.80
C GLY A 361 7.27 -20.77 -17.89
N ASP A 362 8.48 -21.27 -18.07
CA ASP A 362 8.97 -22.27 -17.14
C ASP A 362 9.79 -21.66 -16.04
N MET A 363 10.47 -20.56 -16.32
CA MET A 363 11.27 -19.97 -15.26
C MET A 363 10.34 -19.41 -14.19
N LEU A 364 9.22 -18.83 -14.63
CA LEU A 364 8.23 -18.26 -13.73
C LEU A 364 7.59 -19.34 -12.91
N LEU A 365 6.90 -20.25 -13.60
CA LEU A 365 6.15 -21.34 -12.99
C LEU A 365 7.06 -22.13 -12.07
N ASP A 366 8.26 -22.46 -12.48
CA ASP A 366 9.08 -23.16 -11.52
C ASP A 366 9.20 -22.26 -10.32
N GLY A 367 9.48 -21.00 -10.60
CA GLY A 367 9.61 -20.01 -9.52
C GLY A 367 8.46 -19.99 -8.52
N PHE A 368 7.27 -20.35 -8.98
CA PHE A 368 6.08 -20.37 -8.15
C PHE A 368 5.94 -21.67 -7.39
N ARG A 369 6.29 -22.79 -8.02
CA ARG A 369 6.18 -24.04 -7.29
C ARG A 369 7.30 -24.21 -6.28
N GLN A 370 8.32 -23.37 -6.37
CA GLN A 370 9.30 -23.24 -5.30
C GLN A 370 8.70 -22.52 -4.09
N LEU A 371 8.22 -21.30 -4.33
CA LEU A 371 7.43 -20.55 -3.35
C LEU A 371 6.37 -21.44 -2.74
N ALA A 372 5.90 -22.40 -3.53
CA ALA A 372 4.79 -23.24 -3.14
C ALA A 372 5.22 -24.32 -2.19
N ARG A 373 6.50 -24.68 -2.22
CA ARG A 373 7.06 -25.64 -1.27
C ARG A 373 7.32 -24.97 0.04
N GLU A 374 7.68 -23.67 0.00
CA GLU A 374 8.10 -22.89 1.17
C GLU A 374 6.94 -22.41 2.02
N TYR A 375 5.75 -22.39 1.42
CA TYR A 375 4.52 -22.00 2.10
C TYR A 375 3.39 -22.99 1.77
N PRO A 376 3.53 -24.23 2.19
CA PRO A 376 2.52 -25.25 1.94
C PRO A 376 1.30 -25.00 2.78
N ASP A 377 1.35 -24.00 3.64
CA ASP A 377 0.24 -23.71 4.51
C ASP A 377 -0.61 -22.60 3.93
N LEU A 378 -0.32 -22.19 2.70
CA LEU A 378 -1.06 -21.13 2.08
C LEU A 378 -1.25 -21.50 0.65
N VAL A 379 -0.47 -22.44 0.15
CA VAL A 379 -0.63 -22.89 -1.21
C VAL A 379 -0.70 -24.37 -1.50
N GLN A 380 -1.76 -24.81 -2.14
CA GLN A 380 -1.95 -26.22 -2.41
C GLN A 380 -1.00 -26.57 -3.52
N GLU A 381 -1.03 -25.74 -4.53
CA GLU A 381 -0.21 -25.88 -5.74
C GLU A 381 -0.19 -24.72 -6.74
N ALA A 382 0.91 -24.63 -7.48
CA ALA A 382 1.01 -23.78 -8.67
C ALA A 382 1.01 -24.64 -9.93
N ARG A 383 0.49 -24.12 -11.04
CA ARG A 383 0.44 -24.87 -12.32
C ARG A 383 0.26 -23.97 -13.55
N GLY A 384 0.69 -24.50 -14.70
CA GLY A 384 0.58 -23.80 -15.97
C GLY A 384 1.17 -24.53 -17.16
N LYS A 385 1.21 -23.85 -18.30
CA LYS A 385 1.85 -24.35 -19.51
C LYS A 385 2.26 -23.15 -20.32
N GLY A 386 3.56 -22.85 -20.34
CA GLY A 386 3.98 -21.60 -20.95
C GLY A 386 3.37 -20.47 -20.14
N MET A 387 3.21 -19.33 -20.77
CA MET A 387 2.82 -18.12 -20.06
C MET A 387 1.36 -18.06 -19.61
N LEU A 388 0.67 -19.20 -19.65
CA LEU A 388 -0.62 -19.37 -18.97
C LEU A 388 -0.41 -20.18 -17.67
N MET A 389 -0.47 -19.53 -16.52
CA MET A 389 -0.28 -20.29 -15.29
C MET A 389 -1.09 -19.75 -14.13
N ALA A 390 -1.21 -20.56 -13.09
CA ALA A 390 -2.00 -20.22 -11.91
C ALA A 390 -1.52 -20.85 -10.62
N ILE A 391 -1.58 -20.08 -9.55
CA ILE A 391 -1.30 -20.53 -8.18
C ILE A 391 -2.64 -20.83 -7.48
N GLU A 392 -2.79 -22.04 -6.93
CA GLU A 392 -3.98 -22.39 -6.14
C GLU A 392 -3.75 -22.29 -4.64
N PHE A 393 -4.47 -21.39 -3.98
CA PHE A 393 -4.37 -21.25 -2.53
C PHE A 393 -5.36 -22.19 -1.86
N VAL A 394 -5.50 -22.08 -0.54
CA VAL A 394 -6.36 -23.00 0.22
C VAL A 394 -7.76 -22.41 0.43
N ASP A 395 -7.83 -21.09 0.55
CA ASP A 395 -9.06 -20.38 0.84
C ASP A 395 -9.25 -19.34 -0.23
N ASN A 396 -10.49 -18.90 -0.46
CA ASN A 396 -10.69 -17.67 -1.22
C ASN A 396 -10.23 -16.53 -0.37
N GLU A 397 -10.25 -16.71 0.94
CA GLU A 397 -9.82 -15.67 1.83
C GLU A 397 -8.39 -15.37 1.50
N ILE A 398 -7.56 -16.40 1.62
CA ILE A 398 -6.16 -16.29 1.34
C ILE A 398 -5.91 -15.81 -0.10
N GLY A 399 -6.55 -16.43 -1.08
CA GLY A 399 -6.33 -16.07 -2.47
C GLY A 399 -6.53 -14.61 -2.76
N TYR A 400 -7.64 -14.05 -2.30
CA TYR A 400 -7.92 -12.64 -2.53
C TYR A 400 -6.92 -11.80 -1.79
N ASN A 401 -6.35 -12.40 -0.76
CA ASN A 401 -5.33 -11.70 0.04
C ASN A 401 -4.00 -11.63 -0.69
N PHE A 402 -3.74 -12.63 -1.53
CA PHE A 402 -2.50 -12.65 -2.32
C PHE A 402 -2.64 -11.65 -3.43
N ALA A 403 -3.72 -11.77 -4.19
CA ALA A 403 -3.98 -10.94 -5.38
C ALA A 403 -4.02 -9.45 -5.15
N SER A 404 -4.41 -9.15 -3.92
CA SER A 404 -4.61 -7.85 -3.35
C SER A 404 -3.33 -7.33 -2.77
N GLU A 405 -2.60 -8.20 -2.07
CA GLU A 405 -1.35 -7.79 -1.50
C GLU A 405 -0.40 -7.28 -2.53
N MET A 406 -0.18 -8.07 -3.56
CA MET A 406 0.70 -7.68 -4.67
C MET A 406 0.24 -6.51 -5.50
N PHE A 407 -1.06 -6.29 -5.51
CA PHE A 407 -1.65 -5.15 -6.19
C PHE A 407 -0.95 -3.95 -5.59
N ARG A 408 -0.90 -3.87 -4.27
CA ARG A 408 -0.19 -2.80 -3.61
C ARG A 408 1.30 -2.80 -3.86
N GLN A 409 1.86 -3.96 -4.22
CA GLN A 409 3.28 -4.01 -4.51
C GLN A 409 3.33 -3.64 -6.00
N ARG A 410 2.28 -3.00 -6.50
CA ARG A 410 2.19 -2.60 -7.90
C ARG A 410 2.44 -3.71 -8.96
N VAL A 411 2.00 -4.91 -8.61
CA VAL A 411 1.99 -6.06 -9.53
C VAL A 411 0.58 -6.58 -9.69
N LEU A 412 0.08 -6.45 -10.90
CA LEU A 412 -1.32 -6.65 -11.18
C LEU A 412 -1.67 -8.08 -11.57
N VAL A 413 -2.29 -8.80 -10.65
CA VAL A 413 -2.69 -10.17 -10.92
C VAL A 413 -4.17 -10.32 -10.86
N ALA A 414 -4.65 -11.53 -11.09
CA ALA A 414 -6.08 -11.85 -11.13
C ALA A 414 -6.82 -11.88 -9.80
N GLY A 415 -7.99 -12.48 -9.84
CA GLY A 415 -8.79 -12.69 -8.65
C GLY A 415 -9.64 -11.52 -8.22
N THR A 416 -10.84 -11.83 -7.76
CA THR A 416 -11.77 -10.81 -7.33
C THR A 416 -12.10 -11.12 -5.89
N LEU A 417 -13.00 -10.35 -5.30
CA LEU A 417 -13.28 -10.51 -3.90
C LEU A 417 -13.73 -11.88 -3.47
N ASN A 418 -14.52 -12.54 -4.30
CA ASN A 418 -15.01 -13.87 -3.94
C ASN A 418 -14.42 -15.00 -4.72
N ASN A 419 -14.44 -14.88 -6.04
CA ASN A 419 -13.83 -15.91 -6.84
C ASN A 419 -12.35 -15.63 -6.83
N ALA A 420 -11.63 -16.25 -5.91
CA ALA A 420 -10.20 -16.00 -5.81
C ALA A 420 -9.37 -17.10 -5.21
N LYS A 421 -9.91 -18.31 -5.14
CA LYS A 421 -9.16 -19.37 -4.53
C LYS A 421 -7.93 -19.68 -5.35
N THR A 422 -8.10 -19.71 -6.66
CA THR A 422 -6.98 -19.92 -7.52
C THR A 422 -6.77 -18.65 -8.32
N ILE A 423 -5.54 -18.18 -8.29
CA ILE A 423 -5.23 -16.97 -9.02
C ILE A 423 -4.52 -17.31 -10.31
N ARG A 424 -4.71 -16.51 -11.34
CA ARG A 424 -4.06 -16.78 -12.60
C ARG A 424 -2.96 -15.79 -12.93
N ILE A 425 -1.83 -16.28 -13.43
CA ILE A 425 -0.74 -15.42 -13.84
C ILE A 425 -0.67 -15.49 -15.35
N GLU A 426 -0.87 -14.35 -15.98
CA GLU A 426 -0.85 -14.30 -17.44
C GLU A 426 -0.16 -13.05 -17.98
N PRO A 427 1.13 -12.83 -17.62
CA PRO A 427 1.75 -11.59 -18.05
C PRO A 427 1.96 -11.62 -19.56
N PRO A 428 2.17 -10.45 -20.20
CA PRO A 428 2.51 -10.41 -21.63
C PRO A 428 3.67 -11.35 -21.98
N LEU A 429 3.67 -11.87 -23.21
CA LEU A 429 4.81 -12.69 -23.67
C LEU A 429 6.06 -11.82 -23.81
N THR A 430 5.91 -10.51 -23.69
CA THR A 430 7.05 -9.62 -23.80
C THR A 430 7.61 -9.18 -22.44
N LEU A 431 7.33 -9.96 -21.40
CA LEU A 431 7.83 -9.68 -20.05
C LEU A 431 9.34 -9.93 -19.97
N THR A 432 10.09 -8.90 -19.58
CA THR A 432 11.55 -8.98 -19.49
C THR A 432 12.00 -9.90 -18.35
N ILE A 433 13.27 -10.33 -18.36
CA ILE A 433 13.76 -11.22 -17.33
C ILE A 433 13.91 -10.42 -16.06
N GLU A 434 14.09 -9.13 -16.22
CA GLU A 434 14.16 -8.24 -15.08
C GLU A 434 12.81 -8.13 -14.34
N GLN A 435 11.74 -7.87 -15.09
CA GLN A 435 10.40 -7.86 -14.49
C GLN A 435 9.97 -9.24 -14.01
N CYS A 436 10.50 -10.28 -14.63
CA CYS A 436 10.25 -11.67 -14.24
C CYS A 436 10.64 -11.96 -12.79
N GLU A 437 11.75 -11.42 -12.33
CA GLU A 437 12.12 -11.68 -10.97
C GLU A 437 11.32 -10.74 -10.14
N LEU A 438 11.31 -9.50 -10.56
CA LEU A 438 10.59 -8.54 -9.73
C LEU A 438 9.23 -9.09 -9.26
N VAL A 439 8.63 -9.95 -10.10
CA VAL A 439 7.33 -10.59 -9.83
C VAL A 439 7.44 -11.70 -8.79
N ILE A 440 8.34 -12.64 -9.00
CA ILE A 440 8.51 -13.76 -8.06
C ILE A 440 8.95 -13.20 -6.72
N LYS A 441 9.68 -12.08 -6.74
CA LYS A 441 10.10 -11.40 -5.53
C LYS A 441 8.89 -10.83 -4.78
N ALA A 442 8.01 -10.16 -5.53
CA ALA A 442 6.82 -9.51 -4.99
C ALA A 442 5.87 -10.49 -4.37
N ALA A 443 5.82 -11.67 -4.94
CA ALA A 443 4.99 -12.76 -4.46
C ALA A 443 5.58 -13.43 -3.26
N ARG A 444 6.88 -13.29 -3.10
CA ARG A 444 7.54 -13.84 -1.94
C ARG A 444 7.29 -12.92 -0.74
N LYS A 445 7.37 -11.60 -0.97
CA LYS A 445 7.07 -10.63 0.09
C LYS A 445 5.63 -10.83 0.54
N ALA A 446 4.75 -10.85 -0.44
CA ALA A 446 3.33 -11.09 -0.26
C ALA A 446 3.04 -12.33 0.55
N LEU A 447 3.69 -13.45 0.19
CA LEU A 447 3.51 -14.69 0.90
C LEU A 447 4.03 -14.65 2.32
N ALA A 448 5.03 -13.81 2.55
CA ALA A 448 5.58 -13.59 3.90
C ALA A 448 4.56 -12.90 4.80
N ALA A 449 4.11 -11.74 4.33
CA ALA A 449 3.18 -10.88 5.05
C ALA A 449 1.88 -11.54 5.39
N MET A 450 1.41 -12.43 4.53
CA MET A 450 0.17 -13.16 4.76
C MET A 450 0.44 -14.22 5.82
N ARG A 451 1.59 -14.87 5.71
CA ARG A 451 1.96 -15.87 6.67
C ARG A 451 2.10 -15.18 7.99
N GLN A 452 2.54 -13.93 7.98
CA GLN A 452 2.60 -13.26 9.25
C GLN A 452 1.22 -13.11 9.88
N GLN A 453 0.30 -12.55 9.14
CA GLN A 453 -1.06 -12.34 9.57
C GLN A 453 -1.73 -13.65 9.93
N VAL A 454 -1.57 -14.68 9.10
CA VAL A 454 -2.12 -16.00 9.41
C VAL A 454 -1.64 -16.46 10.76
N ALA A 455 -0.32 -16.48 10.94
CA ALA A 455 0.27 -16.83 12.22
C ALA A 455 -0.26 -15.95 13.34
N PHE A 456 -0.31 -14.64 13.11
CA PHE A 456 -0.78 -13.69 14.11
C PHE A 456 -2.08 -14.10 14.79
N TYR A 457 -3.08 -14.48 14.02
CA TYR A 457 -4.35 -14.91 14.60
C TYR A 457 -4.20 -16.21 15.33
N GLU A 458 -3.43 -17.13 14.72
CA GLU A 458 -3.16 -18.43 15.31
C GLU A 458 -2.68 -18.30 16.74
N ILE A 459 -1.87 -17.28 17.02
CA ILE A 459 -1.30 -17.05 18.34
C ILE A 459 -2.39 -16.58 19.31
N LEU A 460 -3.36 -15.82 18.80
CA LEU A 460 -4.44 -15.31 19.63
C LEU A 460 -5.57 -16.20 20.15
N HIS A 461 -5.97 -17.21 19.42
CA HIS A 461 -7.03 -18.04 19.96
C HIS A 461 -6.48 -19.30 20.64
N LEU A 462 -5.18 -19.31 20.83
CA LEU A 462 -4.46 -20.38 21.52
C LEU A 462 -5.17 -20.11 22.85
N PRO A 463 -6.02 -21.07 23.31
CA PRO A 463 -6.82 -20.88 24.52
C PRO A 463 -6.06 -21.18 25.81
N ASN A 464 -5.22 -22.22 25.80
CA ASN A 464 -4.44 -22.64 26.95
C ASN A 464 -3.33 -21.63 27.20
N LEU A 465 -2.93 -20.93 26.15
CA LEU A 465 -1.90 -19.91 26.27
C LEU A 465 -2.45 -18.67 26.98
N ASN A 466 -1.70 -18.16 27.96
CA ASN A 466 -2.12 -16.95 28.69
C ASN A 466 -1.68 -15.68 27.98
N GLU A 467 -2.22 -14.54 28.42
CA GLU A 467 -1.91 -13.24 27.77
C GLU A 467 -0.42 -12.90 27.90
N GLU A 468 0.13 -13.22 29.08
CA GLU A 468 1.54 -12.95 29.36
C GLU A 468 2.46 -13.58 28.33
N GLN A 469 2.17 -14.83 27.96
CA GLN A 469 2.97 -15.55 26.97
C GLN A 469 2.66 -15.07 25.55
N ARG A 470 1.37 -14.96 25.25
CA ARG A 470 0.89 -14.50 23.96
C ARG A 470 1.52 -13.15 23.59
N ASN A 471 1.66 -12.30 24.59
CA ASN A 471 2.22 -10.98 24.37
C ASN A 471 3.68 -11.03 23.95
N ALA A 472 4.44 -11.94 24.56
CA ALA A 472 5.85 -12.13 24.22
C ALA A 472 6.01 -12.53 22.76
N PHE A 473 5.12 -13.39 22.26
CA PHE A 473 5.15 -13.82 20.87
C PHE A 473 4.79 -12.69 19.92
N ILE A 474 3.70 -11.99 20.23
CA ILE A 474 3.24 -10.85 19.42
C ILE A 474 4.36 -9.80 19.35
N GLN A 475 5.10 -9.69 20.45
CA GLN A 475 6.21 -8.74 20.54
C GLN A 475 7.29 -9.09 19.54
N SER A 476 7.81 -10.31 19.61
CA SER A 476 8.87 -10.79 18.74
C SER A 476 8.38 -10.93 17.30
N LEU A 477 7.07 -11.04 17.14
CA LEU A 477 6.47 -11.19 15.81
C LEU A 477 6.63 -9.91 15.00
N LYS A 478 6.30 -8.80 15.66
CA LYS A 478 6.37 -7.49 15.05
C LYS A 478 7.83 -7.04 14.90
N ASP A 479 8.68 -7.42 15.86
CA ASP A 479 10.10 -7.09 15.85
C ASP A 479 10.85 -7.99 14.87
N ASP A 480 10.31 -9.18 14.61
CA ASP A 480 10.94 -10.15 13.70
C ASP A 480 9.90 -10.99 12.99
N PRO A 481 9.30 -10.43 11.91
CA PRO A 481 8.29 -11.13 11.12
C PRO A 481 8.81 -12.41 10.48
N SER A 482 10.13 -12.56 10.47
CA SER A 482 10.79 -13.74 9.91
C SER A 482 10.55 -14.97 10.78
N GLN A 483 10.36 -14.72 12.07
CA GLN A 483 10.14 -15.79 13.05
C GLN A 483 8.68 -16.17 13.13
N SER A 484 7.88 -15.55 12.28
CA SER A 484 6.43 -15.81 12.23
C SER A 484 6.10 -17.30 12.27
N ALA A 485 7.01 -18.11 11.74
CA ALA A 485 6.86 -19.56 11.73
C ALA A 485 7.40 -20.18 13.00
N ASN A 486 8.50 -19.62 13.50
CA ASN A 486 9.16 -20.14 14.69
C ASN A 486 8.34 -19.84 15.93
N LEU A 487 8.08 -18.55 16.18
CA LEU A 487 7.29 -18.10 17.33
C LEU A 487 5.96 -18.82 17.38
N LEU A 488 5.40 -19.08 16.19
CA LEU A 488 4.14 -19.78 16.07
C LEU A 488 4.25 -21.17 16.68
N ALA A 489 5.21 -21.92 16.16
CA ALA A 489 5.50 -23.28 16.62
C ALA A 489 5.80 -23.30 18.13
N GLU A 490 6.44 -22.24 18.61
CA GLU A 490 6.80 -22.11 20.01
C GLU A 490 5.57 -21.82 20.86
N ALA A 491 4.60 -21.12 20.27
CA ALA A 491 3.37 -20.76 20.96
C ALA A 491 2.43 -21.94 21.02
N LYS A 492 2.37 -22.68 19.92
CA LYS A 492 1.54 -23.86 19.81
C LYS A 492 2.07 -24.95 20.72
N LYS A 493 3.40 -25.04 20.80
CA LYS A 493 4.06 -26.01 21.65
C LYS A 493 3.84 -25.65 23.12
N LEU A 494 3.69 -24.36 23.39
CA LEU A 494 3.47 -23.86 24.73
C LEU A 494 2.00 -24.02 25.13
N ASN A 495 1.10 -23.79 24.18
CA ASN A 495 -0.33 -23.91 24.41
C ASN A 495 -0.69 -25.36 24.69
N ASP A 496 0.11 -26.27 24.14
CA ASP A 496 -0.11 -27.69 24.33
C ASP A 496 0.49 -28.17 25.66
N ALA A 497 1.42 -27.37 26.18
CA ALA A 497 2.08 -27.67 27.45
C ALA A 497 1.13 -27.43 28.63
N GLN A 498 0.23 -26.48 28.46
CA GLN A 498 -0.73 -26.12 29.48
C GLN A 498 -2.08 -26.79 29.24
N ALA A 499 -2.16 -27.55 28.13
CA ALA A 499 -3.39 -28.22 27.70
C ALA A 499 -4.02 -29.20 28.68
N LYS B 11 -14.94 -11.09 15.80
CA LYS B 11 -14.45 -10.55 14.51
C LYS B 11 -14.30 -9.04 14.58
N GLU B 12 -15.41 -8.36 14.89
CA GLU B 12 -15.43 -6.91 15.04
C GLU B 12 -14.23 -6.39 15.83
N THR B 13 -13.82 -7.19 16.83
CA THR B 13 -12.65 -6.91 17.67
C THR B 13 -11.36 -7.23 16.94
N GLN B 14 -11.36 -8.34 16.20
CA GLN B 14 -10.20 -8.78 15.45
C GLN B 14 -9.77 -7.78 14.39
N GLU B 15 -10.74 -7.01 13.90
CA GLU B 15 -10.48 -5.98 12.89
C GLU B 15 -9.60 -4.88 13.47
N ALA B 16 -9.97 -4.42 14.67
CA ALA B 16 -9.24 -3.39 15.39
C ALA B 16 -7.87 -3.91 15.85
N SER B 17 -7.78 -5.22 16.06
CA SER B 17 -6.54 -5.86 16.48
C SER B 17 -5.49 -5.76 15.41
N TRP B 18 -5.88 -6.14 14.20
CA TRP B 18 -4.97 -6.12 13.06
C TRP B 18 -4.53 -4.71 12.73
N GLU B 19 -5.46 -3.77 12.79
CA GLU B 19 -5.17 -2.36 12.52
C GLU B 19 -4.09 -1.83 13.44
N ILE B 20 -4.08 -2.31 14.69
CA ILE B 20 -3.11 -1.89 15.68
C ILE B 20 -1.72 -2.45 15.33
N PHE B 21 -1.71 -3.68 14.80
CA PHE B 21 -0.46 -4.36 14.49
C PHE B 21 0.14 -3.85 13.20
N THR B 22 -0.72 -3.33 12.32
CA THR B 22 -0.29 -2.82 11.02
C THR B 22 0.44 -1.48 11.14
N LEU B 23 0.43 -0.88 12.33
CA LEU B 23 1.08 0.40 12.56
C LEU B 23 2.60 0.24 12.56
N PRO B 24 3.27 0.80 11.51
CA PRO B 24 4.73 0.67 11.34
C PRO B 24 5.55 1.41 12.41
N ASN B 25 5.01 2.54 12.87
CA ASN B 25 5.68 3.39 13.84
C ASN B 25 5.73 2.74 15.22
N LEU B 26 4.76 1.86 15.49
CA LEU B 26 4.69 1.17 16.76
C LEU B 26 5.50 -0.12 16.75
N ASN B 27 6.22 -0.37 17.85
CA ASN B 27 7.03 -1.57 18.02
C ASN B 27 6.16 -2.74 18.44
N GLY B 28 6.83 -3.84 18.79
CA GLY B 28 6.15 -5.04 19.29
C GLY B 28 5.52 -4.84 20.65
N ARG B 29 6.24 -4.07 21.49
CA ARG B 29 5.82 -3.76 22.85
C ARG B 29 4.57 -2.89 22.87
N GLN B 30 4.59 -1.83 22.07
CA GLN B 30 3.48 -0.89 21.99
C GLN B 30 2.20 -1.55 21.49
N VAL B 31 2.31 -2.27 20.37
CA VAL B 31 1.15 -2.93 19.77
C VAL B 31 0.60 -4.00 20.71
N ALA B 32 1.51 -4.83 21.27
CA ALA B 32 1.12 -5.90 22.18
C ALA B 32 0.40 -5.33 23.40
N ALA B 33 0.53 -4.03 23.62
CA ALA B 33 -0.11 -3.35 24.72
C ALA B 33 -1.53 -2.92 24.35
N PHE B 34 -1.72 -2.60 23.07
CA PHE B 34 -3.02 -2.21 22.57
C PHE B 34 -3.88 -3.43 22.24
N ILE B 35 -3.23 -4.55 21.95
CA ILE B 35 -3.91 -5.81 21.65
C ILE B 35 -4.48 -6.39 22.92
N SER B 36 -3.69 -6.34 23.99
CA SER B 36 -4.08 -6.84 25.29
C SER B 36 -5.35 -6.15 25.79
N SER B 37 -5.29 -4.82 25.89
CA SER B 37 -6.41 -4.01 26.32
C SER B 37 -7.68 -4.27 25.51
N LEU B 38 -7.49 -4.60 24.23
CA LEU B 38 -8.59 -4.89 23.32
C LEU B 38 -9.13 -6.24 23.73
N LEU B 39 -8.23 -7.21 23.84
CA LEU B 39 -8.61 -8.56 24.25
C LEU B 39 -9.43 -8.56 25.58
N ASP B 40 -8.95 -7.75 26.49
CA ASP B 40 -9.61 -7.49 27.76
C ASP B 40 -10.79 -6.49 27.84
N ASP B 41 -10.92 -5.65 26.82
CA ASP B 41 -11.97 -4.63 26.79
C ASP B 41 -12.45 -4.40 25.35
N PRO B 42 -13.15 -5.37 24.76
CA PRO B 42 -13.68 -5.20 23.39
C PRO B 42 -14.67 -4.02 23.26
N SER B 43 -14.97 -3.39 24.39
CA SER B 43 -15.83 -2.22 24.42
C SER B 43 -15.07 -0.96 23.99
N GLN B 44 -13.83 -0.82 24.45
CA GLN B 44 -12.97 0.32 24.11
C GLN B 44 -12.16 0.06 22.84
N SER B 45 -12.64 -0.87 22.02
CA SER B 45 -12.01 -1.21 20.75
C SER B 45 -11.65 0.00 19.91
N ALA B 46 -12.62 0.89 19.76
CA ALA B 46 -12.48 2.13 18.99
C ALA B 46 -11.54 3.11 19.69
N ASN B 47 -11.53 3.06 21.02
CA ASN B 47 -10.70 3.97 21.82
C ASN B 47 -9.27 3.48 21.88
N LEU B 48 -9.12 2.16 21.82
CA LEU B 48 -7.82 1.52 21.88
C LEU B 48 -7.12 1.61 20.56
N LEU B 49 -7.91 1.47 19.49
CA LEU B 49 -7.39 1.60 18.15
C LEU B 49 -7.09 3.07 17.87
N ALA B 50 -7.87 3.93 18.50
CA ALA B 50 -7.71 5.37 18.36
C ALA B 50 -6.37 5.80 18.96
N GLU B 51 -6.14 5.37 20.20
CA GLU B 51 -4.92 5.70 20.94
C GLU B 51 -3.72 5.18 20.16
N ALA B 52 -3.84 3.95 19.69
CA ALA B 52 -2.81 3.30 18.87
C ALA B 52 -2.43 4.19 17.69
N LYS B 53 -3.45 4.75 17.03
CA LYS B 53 -3.26 5.63 15.89
C LYS B 53 -2.62 6.94 16.32
N LYS B 54 -2.95 7.42 17.51
CA LYS B 54 -2.35 8.65 17.94
C LYS B 54 -0.89 8.38 18.13
N LEU B 55 -0.61 7.27 18.79
CA LEU B 55 0.76 6.95 19.15
C LEU B 55 1.63 6.80 17.90
N ASN B 56 1.11 6.06 16.93
CA ASN B 56 1.78 5.80 15.66
C ASN B 56 2.11 7.12 15.00
N ASP B 57 1.06 7.89 14.77
CA ASP B 57 1.16 9.18 14.13
C ASP B 57 2.17 10.01 14.90
N VAL B 58 1.96 10.07 16.20
CA VAL B 58 2.81 10.83 17.09
C VAL B 58 4.31 10.55 16.90
N GLN B 59 4.68 9.27 16.92
CA GLN B 59 6.07 8.89 16.78
C GLN B 59 6.55 9.15 15.38
N ALA B 60 5.66 8.96 14.41
CA ALA B 60 5.99 9.16 13.01
C ALA B 60 6.56 10.55 12.78
N PHE B 61 5.89 11.55 13.33
CA PHE B 61 6.28 12.94 13.25
C PHE B 61 7.65 13.27 13.80
N LEU B 62 7.97 12.60 14.90
CA LEU B 62 9.29 12.67 15.50
C LEU B 62 10.34 12.25 14.47
N ALA B 63 9.96 11.32 13.60
CA ALA B 63 10.82 10.92 12.51
C ALA B 63 11.12 12.10 11.58
N LYS B 64 10.09 12.81 11.14
CA LYS B 64 10.23 14.00 10.29
C LYS B 64 10.94 15.15 11.03
N ALA B 65 10.83 15.17 12.36
CA ALA B 65 11.46 16.21 13.18
C ALA B 65 12.97 16.03 13.27
N LYS B 66 13.42 14.78 13.40
CA LYS B 66 14.83 14.45 13.52
C LYS B 66 15.56 14.61 12.19
N GLU B 67 14.94 14.12 11.12
CA GLU B 67 15.53 14.25 9.82
C GLU B 67 15.74 15.73 9.55
N ASP B 68 14.73 16.52 9.87
CA ASP B 68 14.75 17.94 9.59
C ASP B 68 15.78 18.67 10.46
N PHE B 69 16.00 18.14 11.66
CA PHE B 69 16.98 18.68 12.60
C PHE B 69 18.39 18.45 12.10
N LEU B 70 18.72 17.19 11.84
CA LEU B 70 20.07 16.80 11.41
C LEU B 70 20.54 17.60 10.20
N LYS B 71 19.69 17.68 9.18
CA LYS B 71 19.94 18.48 7.97
C LYS B 71 20.53 19.85 8.33
N LYS B 72 19.87 20.52 9.27
CA LYS B 72 20.29 21.85 9.75
C LYS B 72 21.47 21.76 10.73
N TRP B 73 21.53 20.68 11.51
CA TRP B 73 22.59 20.45 12.49
C TRP B 73 23.92 20.18 11.82
N GLU B 74 23.86 19.51 10.67
CA GLU B 74 25.05 19.11 9.91
C GLU B 74 25.78 20.28 9.21
N THR B 75 25.07 21.00 8.35
CA THR B 75 25.56 22.24 7.74
C THR B 75 24.55 23.37 8.09
N PRO B 76 24.90 24.21 9.03
CA PRO B 76 24.09 25.22 9.71
C PRO B 76 23.99 26.48 8.87
N SER B 77 22.94 27.29 9.05
CA SER B 77 22.77 28.55 8.32
C SER B 77 23.68 29.64 8.89
N GLN B 78 24.09 30.58 8.04
CA GLN B 78 24.93 31.70 8.42
C GLN B 78 24.51 32.94 7.64
N ASN B 79 24.53 34.08 8.31
CA ASN B 79 24.22 35.39 7.72
C ASN B 79 22.93 35.32 6.91
N THR B 80 21.82 35.03 7.58
CA THR B 80 20.49 34.99 6.94
C THR B 80 19.91 36.40 6.78
N ALA B 81 20.58 37.38 7.37
CA ALA B 81 20.20 38.80 7.28
C ALA B 81 21.44 39.68 7.41
N GLN B 82 21.25 41.00 7.25
CA GLN B 82 22.29 41.99 7.55
C GLN B 82 21.71 43.18 8.32
N LEU B 83 22.55 43.86 9.09
CA LEU B 83 22.10 44.90 10.04
C LEU B 83 21.24 46.01 9.43
N ASP B 84 21.57 46.43 8.20
CA ASP B 84 20.82 47.49 7.51
C ASP B 84 19.54 46.98 6.84
N GLN B 85 18.99 45.87 7.33
CA GLN B 85 17.68 45.38 6.92
C GLN B 85 16.64 45.67 8.01
N PHE B 86 17.09 46.21 9.13
CA PHE B 86 16.24 46.48 10.29
C PHE B 86 16.32 47.95 10.73
N ASP B 87 15.28 48.42 11.43
CA ASP B 87 15.26 49.76 11.96
C ASP B 87 15.07 49.73 13.48
N ARG B 88 16.08 50.21 14.20
CA ARG B 88 16.08 50.23 15.66
C ARG B 88 14.88 51.02 16.19
N ILE B 89 14.04 50.35 16.97
CA ILE B 89 12.88 51.00 17.58
C ILE B 89 13.22 51.47 18.99
N LYS B 90 13.58 50.52 19.86
CA LYS B 90 13.90 50.80 21.26
C LYS B 90 14.93 49.80 21.76
N THR B 91 15.62 50.17 22.84
CA THR B 91 16.55 49.26 23.49
C THR B 91 15.87 48.63 24.70
N LEU B 92 15.59 47.34 24.59
CA LEU B 92 14.80 46.59 25.57
C LEU B 92 15.53 46.31 26.88
N GLY B 93 16.79 45.90 26.76
CA GLY B 93 17.57 45.42 27.90
C GLY B 93 19.05 45.35 27.58
N THR B 94 19.87 45.29 28.62
CA THR B 94 21.32 45.17 28.49
C THR B 94 21.82 44.02 29.37
N GLY B 95 22.73 43.21 28.81
CA GLY B 95 23.47 42.18 29.58
C GLY B 95 24.98 42.46 29.62
N SER B 96 25.74 41.47 30.07
CA SER B 96 27.21 41.56 30.03
C SER B 96 27.76 41.37 28.59
N PHE B 97 27.07 40.51 27.84
CA PHE B 97 27.35 40.20 26.44
C PHE B 97 27.15 41.44 25.57
N GLY B 98 26.09 42.21 25.86
CA GLY B 98 25.77 43.44 25.16
C GLY B 98 24.38 43.92 25.50
N ARG B 99 23.52 44.08 24.50
CA ARG B 99 22.16 44.56 24.72
C ARG B 99 21.15 44.04 23.70
N VAL B 100 19.89 43.99 24.11
CA VAL B 100 18.78 43.54 23.28
C VAL B 100 17.94 44.74 22.86
N MET B 101 17.65 44.81 21.56
CA MET B 101 16.85 45.90 21.00
C MET B 101 15.62 45.39 20.28
N LEU B 102 14.53 46.14 20.39
CA LEU B 102 13.33 45.89 19.60
C LEU B 102 13.57 46.47 18.21
N VAL B 103 13.34 45.66 17.18
CA VAL B 103 13.63 46.06 15.80
C VAL B 103 12.43 45.83 14.87
N LYS B 104 12.37 46.61 13.78
CA LYS B 104 11.36 46.42 12.75
C LYS B 104 12.01 46.04 11.41
N HIS B 105 11.64 44.89 10.88
CA HIS B 105 12.12 44.42 9.59
C HIS B 105 11.48 45.27 8.48
N LYS B 106 12.32 46.06 7.81
CA LYS B 106 11.86 47.05 6.82
C LYS B 106 10.97 46.49 5.70
N GLU B 107 11.24 45.25 5.28
CA GLU B 107 10.50 44.60 4.19
C GLU B 107 9.12 44.08 4.61
N SER B 108 8.97 43.75 5.89
CA SER B 108 7.72 43.15 6.40
C SER B 108 7.01 44.00 7.43
N GLY B 109 7.77 44.75 8.22
CA GLY B 109 7.22 45.52 9.33
C GLY B 109 7.02 44.67 10.58
N ASN B 110 7.62 43.47 10.57
CA ASN B 110 7.60 42.55 11.70
C ASN B 110 8.56 42.98 12.80
N HIS B 111 8.26 42.61 14.03
CA HIS B 111 9.09 43.00 15.17
C HIS B 111 9.83 41.84 15.81
N TYR B 112 11.11 42.08 16.10
CA TYR B 112 11.98 41.08 16.73
C TYR B 112 12.74 41.68 17.89
N ALA B 113 13.27 40.80 18.75
CA ALA B 113 14.22 41.18 19.78
C ALA B 113 15.63 40.73 19.35
N MET B 114 16.37 41.64 18.73
CA MET B 114 17.73 41.38 18.28
C MET B 114 18.68 41.42 19.47
N LYS B 115 19.53 40.40 19.59
CA LYS B 115 20.54 40.38 20.64
C LYS B 115 21.89 40.71 20.03
N ILE B 116 22.48 41.80 20.48
CA ILE B 116 23.82 42.18 20.07
C ILE B 116 24.75 41.71 21.17
N LEU B 117 25.79 40.98 20.79
CA LEU B 117 26.78 40.54 21.76
C LEU B 117 28.19 40.80 21.25
N ASP B 118 28.94 41.58 22.03
CA ASP B 118 30.27 42.03 21.67
C ASP B 118 31.24 40.85 21.65
N LYS B 119 31.80 40.60 20.45
CA LYS B 119 32.79 39.53 20.23
C LYS B 119 33.87 39.56 21.31
N GLN B 120 34.47 40.74 21.48
CA GLN B 120 35.58 40.91 22.42
C GLN B 120 35.15 40.74 23.88
N LYS B 121 33.90 41.10 24.19
CA LYS B 121 33.36 40.96 25.55
C LYS B 121 33.05 39.50 25.90
N VAL B 122 32.64 38.74 24.88
CA VAL B 122 32.39 37.29 25.03
C VAL B 122 33.73 36.56 25.31
N VAL B 123 34.72 36.81 24.44
CA VAL B 123 36.06 36.23 24.58
C VAL B 123 36.62 36.45 26.00
N LYS B 124 36.40 37.63 26.55
CA LYS B 124 36.86 37.91 27.91
C LYS B 124 36.09 37.03 28.89
N LEU B 125 34.78 37.05 28.78
CA LEU B 125 33.91 36.32 29.71
C LEU B 125 34.03 34.80 29.56
N LYS B 126 34.90 34.40 28.64
CA LYS B 126 35.12 33.00 28.30
C LYS B 126 33.77 32.35 28.12
N GLN B 127 33.15 32.70 27.00
CA GLN B 127 31.79 32.25 26.66
C GLN B 127 31.67 31.85 25.19
N ILE B 128 32.82 31.70 24.54
CA ILE B 128 32.92 31.29 23.13
C ILE B 128 32.12 30.03 22.83
N GLU B 129 32.30 28.99 23.64
CA GLU B 129 31.55 27.78 23.35
C GLU B 129 30.06 27.98 23.51
N HIS B 130 29.64 28.40 24.71
CA HIS B 130 28.20 28.54 24.98
C HIS B 130 27.49 29.24 23.83
N THR B 131 28.08 30.36 23.41
CA THR B 131 27.54 31.20 22.34
C THR B 131 27.35 30.39 21.07
N LEU B 132 28.43 29.74 20.62
CA LEU B 132 28.41 28.90 19.43
C LEU B 132 27.41 27.74 19.54
N ASN B 133 27.46 27.05 20.68
CA ASN B 133 26.55 25.92 20.94
C ASN B 133 25.08 26.37 20.98
N GLU B 134 24.80 27.48 21.65
CA GLU B 134 23.42 27.99 21.74
C GLU B 134 22.89 28.29 20.34
N LYS B 135 23.71 28.98 19.55
CA LYS B 135 23.31 29.36 18.19
C LYS B 135 23.04 28.13 17.33
N ARG B 136 24.00 27.20 17.31
CA ARG B 136 23.91 25.99 16.50
C ARG B 136 22.70 25.14 16.87
N ILE B 137 22.37 25.08 18.16
CA ILE B 137 21.15 24.42 18.61
C ILE B 137 19.93 25.19 18.11
N LEU B 138 19.84 26.47 18.45
CA LEU B 138 18.69 27.30 18.08
C LEU B 138 18.43 27.33 16.57
N GLN B 139 19.52 27.41 15.80
CA GLN B 139 19.45 27.44 14.34
C GLN B 139 18.79 26.18 13.76
N ALA B 140 19.00 25.05 14.43
CA ALA B 140 18.57 23.74 13.96
C ALA B 140 17.22 23.29 14.53
N VAL B 141 16.81 23.92 15.62
CA VAL B 141 15.62 23.51 16.37
C VAL B 141 14.33 24.09 15.78
N ASN B 142 13.20 23.41 16.02
CA ASN B 142 11.89 23.87 15.58
C ASN B 142 10.76 23.27 16.43
N PHE B 143 10.25 24.04 17.40
CA PHE B 143 9.14 23.61 18.23
C PHE B 143 8.40 24.82 18.83
N PRO B 144 7.06 24.80 18.79
CA PRO B 144 6.19 25.89 19.26
C PRO B 144 6.57 26.49 20.62
N PHE B 145 6.97 25.65 21.57
CA PHE B 145 7.30 26.10 22.92
C PHE B 145 8.77 26.45 23.12
N LEU B 146 9.49 26.61 22.03
CA LEU B 146 10.88 27.05 22.05
C LEU B 146 10.98 28.40 21.37
N VAL B 147 11.88 29.25 21.86
CA VAL B 147 12.14 30.54 21.19
C VAL B 147 12.65 30.25 19.79
N LYS B 148 12.24 31.08 18.83
CA LYS B 148 12.64 30.86 17.44
C LYS B 148 13.67 31.89 17.01
N LEU B 149 14.86 31.42 16.69
CA LEU B 149 15.88 32.24 16.06
C LEU B 149 15.46 32.47 14.62
N GLU B 150 14.95 33.66 14.34
CA GLU B 150 14.51 33.99 12.98
C GLU B 150 15.70 34.27 12.07
N PHE B 151 16.60 35.16 12.51
CA PHE B 151 17.82 35.44 11.76
C PHE B 151 19.06 35.36 12.64
N SER B 152 20.21 35.31 11.99
CA SER B 152 21.50 35.23 12.66
C SER B 152 22.58 35.73 11.72
N PHE B 153 23.44 36.61 12.21
CA PHE B 153 24.57 37.15 11.43
C PHE B 153 25.64 37.81 12.31
N LYS B 154 26.69 38.32 11.68
CA LYS B 154 27.77 39.01 12.38
C LYS B 154 28.46 40.03 11.48
N ASP B 155 29.22 40.93 12.10
CA ASP B 155 30.10 41.84 11.37
C ASP B 155 31.46 41.90 12.07
N ASN B 156 32.24 42.95 11.80
CA ASN B 156 33.55 43.16 12.43
C ASN B 156 33.51 43.16 13.96
N SER B 157 32.49 43.81 14.53
CA SER B 157 32.47 44.17 15.94
C SER B 157 31.67 43.26 16.87
N ASN B 158 30.58 42.66 16.39
CA ASN B 158 29.69 41.86 17.25
C ASN B 158 28.82 40.82 16.51
N LEU B 159 28.27 39.89 17.29
CA LEU B 159 27.35 38.86 16.79
C LEU B 159 25.90 39.32 16.96
N TYR B 160 25.03 38.85 16.07
CA TYR B 160 23.62 39.25 16.07
C TYR B 160 22.68 38.05 16.04
N MET B 161 21.84 37.97 17.06
CA MET B 161 20.81 36.95 17.09
C MET B 161 19.45 37.60 17.11
N VAL B 162 18.72 37.46 15.99
CA VAL B 162 17.42 38.11 15.82
C VAL B 162 16.30 37.15 16.24
N MET B 163 15.67 37.45 17.37
CA MET B 163 14.73 36.54 18.04
C MET B 163 13.29 37.05 17.96
N GLU B 164 12.35 36.12 17.72
CA GLU B 164 10.92 36.42 17.77
C GLU B 164 10.57 37.05 19.13
N TYR B 165 10.06 38.27 19.09
CA TYR B 165 9.78 39.04 20.28
C TYR B 165 8.45 38.55 20.84
N VAL B 166 8.43 38.20 22.13
CA VAL B 166 7.20 37.80 22.82
C VAL B 166 7.05 38.56 24.16
N ALA B 167 5.94 39.28 24.27
CA ALA B 167 5.66 40.16 25.38
C ALA B 167 5.05 39.31 26.48
N GLY B 168 5.59 39.42 27.69
CA GLY B 168 5.17 38.59 28.81
C GLY B 168 6.40 38.17 29.57
N GLY B 169 6.34 38.30 30.90
CA GLY B 169 7.49 38.12 31.77
C GLY B 169 8.04 36.71 31.89
N GLU B 170 8.95 36.56 32.83
CA GLU B 170 9.46 35.25 33.23
C GLU B 170 8.40 34.58 34.10
N MET B 171 8.42 33.25 34.14
CA MET B 171 7.58 32.46 35.03
C MET B 171 7.98 32.66 36.49
N PHE B 172 9.27 32.90 36.71
CA PHE B 172 9.82 33.15 38.05
C PHE B 172 9.06 34.26 38.71
N SER B 173 9.21 35.48 38.16
CA SER B 173 8.56 36.68 38.72
C SER B 173 7.04 36.52 38.77
N HIS B 174 6.45 35.88 37.76
CA HIS B 174 5.02 35.65 37.74
C HIS B 174 4.55 34.73 38.87
N LEU B 175 5.35 33.70 39.15
CA LEU B 175 5.07 32.78 40.25
C LEU B 175 5.15 33.48 41.61
N ARG B 176 5.98 34.53 41.70
CA ARG B 176 6.09 35.34 42.92
C ARG B 176 4.79 36.09 43.15
N ARG B 177 4.24 36.64 42.06
CA ARG B 177 3.03 37.45 42.08
C ARG B 177 1.84 36.65 42.59
N ILE B 178 1.56 35.53 41.93
CA ILE B 178 0.45 34.66 42.32
C ILE B 178 0.76 33.90 43.61
N GLY B 179 2.04 33.58 43.81
CA GLY B 179 2.47 32.83 44.99
C GLY B 179 2.61 31.35 44.69
N ARG B 180 1.49 30.73 44.34
CA ARG B 180 1.40 29.34 43.93
C ARG B 180 0.32 29.19 42.85
N PHE B 181 0.49 28.23 41.94
CA PHE B 181 -0.53 27.98 40.92
C PHE B 181 -1.43 26.85 41.35
N SER B 182 -2.71 26.96 40.99
CA SER B 182 -3.66 25.86 41.16
C SER B 182 -3.25 24.74 40.21
N GLU B 183 -3.43 23.50 40.66
CA GLU B 183 -2.94 22.31 39.94
C GLU B 183 -3.31 22.25 38.43
N PRO B 184 -4.56 22.67 38.07
CA PRO B 184 -4.90 22.86 36.65
C PRO B 184 -4.04 23.89 35.90
N HIS B 185 -3.60 24.94 36.58
CA HIS B 185 -2.69 25.95 36.02
C HIS B 185 -1.33 25.32 35.76
N ALA B 186 -0.83 24.58 36.76
CA ALA B 186 0.47 23.90 36.68
C ALA B 186 0.46 22.75 35.67
N ARG B 187 -0.70 22.10 35.55
CA ARG B 187 -0.90 21.04 34.57
C ARG B 187 -0.71 21.55 33.15
N PHE B 188 -1.22 22.77 32.90
CA PHE B 188 -1.09 23.43 31.61
C PHE B 188 0.37 23.74 31.25
N TYR B 189 1.14 24.19 32.24
CA TYR B 189 2.55 24.47 32.01
C TYR B 189 3.40 23.21 31.90
N ALA B 190 3.18 22.25 32.82
CA ALA B 190 3.86 20.95 32.77
C ALA B 190 3.73 20.29 31.39
N ALA B 191 2.49 20.10 30.95
CA ALA B 191 2.19 19.47 29.67
C ALA B 191 3.03 19.99 28.49
N GLN B 192 3.25 21.31 28.49
CA GLN B 192 4.09 21.94 27.46
C GLN B 192 5.55 21.56 27.62
N ILE B 193 6.06 21.59 28.86
CA ILE B 193 7.46 21.22 29.15
C ILE B 193 7.70 19.76 28.79
N VAL B 194 6.69 18.92 29.04
CA VAL B 194 6.73 17.48 28.70
C VAL B 194 6.95 17.30 27.19
N LEU B 195 6.04 17.84 26.38
CA LEU B 195 6.11 17.74 24.92
C LEU B 195 7.42 18.31 24.39
N THR B 196 7.84 19.44 24.93
CA THR B 196 9.11 20.05 24.61
C THR B 196 10.24 19.03 24.83
N PHE B 197 10.25 18.42 26.02
CA PHE B 197 11.27 17.42 26.39
C PHE B 197 11.21 16.19 25.52
N GLU B 198 10.01 15.71 25.22
CA GLU B 198 9.87 14.59 24.29
C GLU B 198 10.65 14.92 23.03
N TYR B 199 10.30 16.06 22.45
CA TYR B 199 10.90 16.54 21.21
C TYR B 199 12.43 16.57 21.27
N LEU B 200 12.97 17.29 22.26
CA LEU B 200 14.42 17.50 22.40
C LEU B 200 15.19 16.20 22.62
N HIS B 201 14.71 15.35 23.53
CA HIS B 201 15.27 14.01 23.76
C HIS B 201 15.36 13.20 22.48
N SER B 202 14.33 13.31 21.63
CA SER B 202 14.31 12.63 20.33
C SER B 202 15.55 12.96 19.49
N LEU B 203 15.95 14.23 19.51
CA LEU B 203 17.14 14.70 18.82
C LEU B 203 18.41 14.51 19.66
N ASP B 204 18.31 13.66 20.70
CA ASP B 204 19.45 13.29 21.58
C ASP B 204 20.06 14.53 22.26
N LEU B 205 19.19 15.42 22.70
CA LEU B 205 19.57 16.68 23.34
C LEU B 205 19.05 16.74 24.77
N ILE B 206 19.97 16.88 25.72
CA ILE B 206 19.61 17.19 27.10
C ILE B 206 19.42 18.69 27.14
N TYR B 207 18.45 19.17 27.92
CA TYR B 207 18.23 20.62 28.07
C TYR B 207 19.07 21.20 29.21
N ARG B 208 19.08 20.53 30.36
CA ARG B 208 20.05 20.81 31.44
C ARG B 208 19.89 22.14 32.16
N ASP B 209 18.83 22.89 31.90
CA ASP B 209 18.72 24.24 32.48
C ASP B 209 17.27 24.65 32.71
N LEU B 210 16.45 23.69 33.11
CA LEU B 210 15.05 23.96 33.37
C LEU B 210 14.87 24.60 34.73
N LYS B 211 14.33 25.82 34.70
CA LYS B 211 14.03 26.65 35.86
C LYS B 211 13.06 27.76 35.43
N PRO B 212 12.23 28.27 36.38
CA PRO B 212 11.20 29.27 36.07
C PRO B 212 11.70 30.50 35.31
N GLU B 213 12.96 30.88 35.55
CA GLU B 213 13.63 32.01 34.92
C GLU B 213 13.80 31.82 33.41
N ASN B 214 13.92 30.56 33.01
CA ASN B 214 14.10 30.20 31.59
C ASN B 214 12.77 29.87 30.92
N LEU B 215 11.68 30.35 31.51
CA LEU B 215 10.35 30.08 30.98
C LEU B 215 9.58 31.38 30.79
N LEU B 216 9.57 31.87 29.56
CA LEU B 216 8.82 33.08 29.19
C LEU B 216 7.39 32.73 28.85
N ILE B 217 6.50 33.70 28.95
CA ILE B 217 5.08 33.49 28.67
C ILE B 217 4.67 34.19 27.36
N ASP B 218 4.04 33.41 26.47
CA ASP B 218 3.49 33.89 25.20
C ASP B 218 2.55 35.08 25.28
N GLN B 219 2.44 35.80 24.16
CA GLN B 219 1.33 36.73 23.98
C GLN B 219 0.00 35.95 24.14
N GLN B 220 0.02 34.72 23.64
CA GLN B 220 -1.01 33.73 23.86
C GLN B 220 -1.11 33.02 25.23
N GLY B 221 -0.22 33.35 26.16
CA GLY B 221 -0.23 32.74 27.50
C GLY B 221 0.44 31.38 27.60
N TYR B 222 0.86 30.84 26.47
CA TYR B 222 1.64 29.59 26.40
C TYR B 222 3.10 29.84 26.80
N ILE B 223 3.90 28.78 26.79
CA ILE B 223 5.28 28.88 27.25
C ILE B 223 6.25 29.03 26.07
N GLN B 224 7.36 29.71 26.34
CA GLN B 224 8.49 29.77 25.43
C GLN B 224 9.72 29.48 26.30
N VAL B 225 10.55 28.53 25.86
CA VAL B 225 11.76 28.16 26.60
C VAL B 225 12.94 28.97 26.03
N THR B 226 13.77 29.53 26.91
CA THR B 226 14.61 30.65 26.48
C THR B 226 16.14 30.62 26.66
N ASP B 227 16.71 29.59 27.28
CA ASP B 227 18.17 29.59 27.43
C ASP B 227 18.76 28.29 26.95
N PHE B 228 19.78 28.35 26.09
CA PHE B 228 20.37 27.12 25.53
C PHE B 228 21.89 27.02 25.68
N GLY B 229 22.48 27.95 26.41
CA GLY B 229 23.91 27.95 26.66
C GLY B 229 24.43 26.65 27.26
N PHE B 230 23.53 25.92 27.92
CA PHE B 230 23.88 24.67 28.61
C PHE B 230 23.55 23.40 27.86
N ALA B 231 22.53 23.43 27.00
CA ALA B 231 22.04 22.23 26.32
C ALA B 231 23.12 21.51 25.50
N LYS B 232 23.12 20.18 25.57
CA LYS B 232 24.12 19.36 24.90
C LYS B 232 23.48 18.27 24.06
N ARG B 233 24.06 18.07 22.88
CA ARG B 233 23.75 16.92 22.04
C ARG B 233 24.61 15.76 22.56
N VAL B 234 24.00 14.99 23.44
CA VAL B 234 24.63 13.87 24.11
C VAL B 234 24.04 12.54 23.67
N LYS B 235 24.90 11.63 23.20
CA LYS B 235 24.44 10.32 22.81
C LYS B 235 24.39 9.36 24.00
N GLY B 236 25.49 9.22 24.72
CA GLY B 236 25.57 8.31 25.87
C GLY B 236 25.37 9.00 27.21
N ARG B 237 26.48 9.48 27.77
CA ARG B 237 26.49 10.12 29.09
C ARG B 237 27.45 11.27 29.13
N THR B 238 27.13 12.27 29.96
CA THR B 238 28.01 13.42 30.19
C THR B 238 28.21 13.72 31.67
N TRP B 239 29.14 14.64 31.95
CA TRP B 239 29.49 14.98 33.33
C TRP B 239 29.51 16.44 33.71
N LEU B 241 28.68 19.70 35.10
CA LEU B 241 27.61 20.18 35.92
C LEU B 241 27.42 21.64 35.67
N CYS B 242 26.19 22.00 35.34
CA CYS B 242 25.78 23.37 35.16
C CYS B 242 24.30 23.31 35.44
N GLY B 243 23.79 24.37 36.03
CA GLY B 243 22.39 24.39 36.40
C GLY B 243 22.23 24.94 37.79
N THR B 244 20.98 25.06 38.20
CA THR B 244 20.65 25.63 39.51
C THR B 244 20.41 24.52 40.52
N PRO B 245 21.16 24.55 41.64
CA PRO B 245 21.14 23.56 42.70
C PRO B 245 19.80 22.87 42.97
N GLU B 246 18.70 23.63 43.04
CA GLU B 246 17.38 23.07 43.33
C GLU B 246 16.92 22.03 42.30
N TYR B 247 17.40 22.18 41.06
CA TYR B 247 16.91 21.37 39.95
C TYR B 247 17.88 20.29 39.51
N LEU B 248 19.01 20.19 40.19
CA LEU B 248 19.96 19.15 39.86
C LEU B 248 19.48 17.79 40.34
N ALA B 249 19.52 16.82 39.43
CA ALA B 249 19.24 15.43 39.74
C ALA B 249 20.42 14.88 40.52
N PRO B 250 20.18 13.93 41.46
CA PRO B 250 21.27 13.40 42.30
C PRO B 250 22.48 12.93 41.54
N GLU B 251 22.29 12.40 40.33
CA GLU B 251 23.38 11.88 39.51
C GLU B 251 24.34 12.96 39.13
N ILE B 252 23.85 14.16 38.83
CA ILE B 252 24.72 15.30 38.55
C ILE B 252 25.62 15.57 39.74
N ILE B 253 25.02 15.81 40.89
CA ILE B 253 25.79 16.07 42.06
C ILE B 253 26.80 14.97 42.28
N LEU B 254 26.29 13.75 42.39
CA LEU B 254 27.10 12.63 42.82
C LEU B 254 28.32 12.36 41.96
N SER B 255 28.36 12.98 40.78
CA SER B 255 29.54 12.96 39.90
C SER B 255 29.76 11.65 39.17
N LYS B 256 28.67 10.87 39.06
CA LYS B 256 28.61 9.71 38.19
C LYS B 256 27.93 10.21 36.94
N GLY B 257 28.31 9.71 35.77
CA GLY B 257 27.77 10.23 34.50
C GLY B 257 26.25 10.34 34.54
N TYR B 258 25.68 11.27 33.79
CA TYR B 258 24.23 11.35 33.64
C TYR B 258 23.81 11.45 32.17
N ASN B 259 22.50 11.57 31.95
CA ASN B 259 21.91 11.64 30.63
C ASN B 259 20.58 12.42 30.67
N LYS B 260 19.74 12.16 29.67
CA LYS B 260 18.47 12.84 29.53
C LYS B 260 17.47 12.62 30.67
N ALA B 261 17.69 11.60 31.49
CA ALA B 261 16.88 11.39 32.69
C ALA B 261 16.84 12.64 33.57
N VAL B 262 17.98 13.32 33.65
CA VAL B 262 18.15 14.56 34.44
C VAL B 262 17.08 15.61 34.16
N ASP B 263 16.71 15.80 32.89
CA ASP B 263 15.59 16.68 32.51
C ASP B 263 14.28 16.30 33.20
N TRP B 264 14.00 15.00 33.27
CA TRP B 264 12.73 14.52 33.87
C TRP B 264 12.67 14.76 35.37
N TRP B 265 13.81 14.70 36.03
CA TRP B 265 13.91 15.06 37.44
C TRP B 265 13.49 16.52 37.63
N ALA B 266 14.08 17.39 36.82
CA ALA B 266 13.87 18.83 36.91
C ALA B 266 12.41 19.22 36.72
N LEU B 267 11.75 18.57 35.77
CA LEU B 267 10.30 18.71 35.58
C LEU B 267 9.59 18.50 36.91
N GLY B 268 9.90 17.38 37.56
CA GLY B 268 9.41 17.07 38.91
C GLY B 268 9.54 18.25 39.87
N VAL B 269 10.75 18.76 39.98
CA VAL B 269 11.06 19.92 40.81
C VAL B 269 10.22 21.12 40.37
N LEU B 270 10.16 21.37 39.06
CA LEU B 270 9.41 22.48 38.50
C LEU B 270 7.92 22.40 38.77
N ILE B 271 7.35 21.21 38.69
CA ILE B 271 5.92 21.01 38.99
C ILE B 271 5.69 21.29 40.48
N TYR B 272 6.41 20.58 41.34
CA TYR B 272 6.37 20.81 42.79
C TYR B 272 6.34 22.31 43.12
N GLU B 273 7.24 23.07 42.54
CA GLU B 273 7.32 24.50 42.80
C GLU B 273 6.09 25.27 42.32
N MET B 274 5.56 24.92 41.16
CA MET B 274 4.39 25.60 40.62
C MET B 274 3.14 25.33 41.44
N ALA B 275 3.06 24.13 42.03
CA ALA B 275 1.93 23.75 42.85
C ALA B 275 2.10 24.10 44.33
N ALA B 276 3.35 24.23 44.78
CA ALA B 276 3.65 24.50 46.20
C ALA B 276 4.06 25.94 46.49
N GLY B 277 4.60 26.62 45.48
CA GLY B 277 5.09 27.99 45.63
C GLY B 277 6.51 28.05 46.15
N TYR B 278 7.14 26.89 46.29
CA TYR B 278 8.55 26.78 46.68
C TYR B 278 9.11 25.41 46.24
N PRO B 279 10.45 25.33 46.00
CA PRO B 279 11.05 24.08 45.52
C PRO B 279 11.12 23.02 46.64
N PRO B 280 11.09 21.72 46.28
CA PRO B 280 11.08 20.65 47.29
C PRO B 280 12.34 20.52 48.11
N PHE B 281 13.49 20.78 47.49
CA PHE B 281 14.77 20.77 48.19
C PHE B 281 15.31 22.19 48.29
N PHE B 282 15.18 22.74 49.49
CA PHE B 282 15.55 24.10 49.69
C PHE B 282 16.10 24.29 51.09
N ALA B 283 17.25 24.95 51.14
CA ALA B 283 17.91 25.28 52.37
C ALA B 283 18.57 26.65 52.18
N ASP B 284 19.00 27.25 53.27
CA ASP B 284 19.62 28.54 53.18
C ASP B 284 20.84 28.48 52.27
N GLN B 285 21.74 27.58 52.59
CA GLN B 285 22.98 27.42 51.84
C GLN B 285 23.07 26.08 51.16
N PRO B 286 23.38 26.10 49.86
CA PRO B 286 23.42 24.99 48.88
C PRO B 286 24.04 23.67 49.21
N ILE B 287 25.26 23.69 49.64
CA ILE B 287 25.91 22.48 49.85
C ILE B 287 24.78 21.72 50.46
N GLN B 288 24.26 22.30 51.52
CA GLN B 288 23.02 21.68 52.12
C GLN B 288 21.83 21.24 51.21
N ILE B 289 21.50 22.02 50.20
CA ILE B 289 20.46 21.63 49.22
C ILE B 289 20.82 20.29 48.56
N TYR B 290 22.11 20.04 48.33
CA TYR B 290 22.60 18.79 47.79
C TYR B 290 22.35 17.62 48.72
N GLU B 291 22.72 17.75 50.00
CA GLU B 291 22.39 16.75 51.03
C GLU B 291 20.93 16.28 50.94
N LYS B 292 20.02 17.26 50.99
CA LYS B 292 18.58 17.01 50.93
C LYS B 292 18.14 16.32 49.62
N ILE B 293 18.85 16.58 48.51
CA ILE B 293 18.56 15.97 47.20
C ILE B 293 18.99 14.52 47.18
N VAL B 294 20.27 14.27 47.49
CA VAL B 294 20.86 12.92 47.48
C VAL B 294 20.10 11.80 48.21
N SER B 295 19.89 11.95 49.52
CA SER B 295 18.92 11.15 50.27
C SER B 295 17.53 11.83 50.13
N GLY B 296 16.89 11.45 49.03
CA GLY B 296 15.81 12.21 48.38
C GLY B 296 14.52 11.92 49.09
N LYS B 297 14.37 12.50 50.28
CA LYS B 297 13.12 12.49 51.04
C LYS B 297 12.44 13.82 50.73
N VAL B 298 11.29 13.80 50.04
CA VAL B 298 10.59 15.00 49.66
C VAL B 298 9.20 14.82 50.26
N ARG B 299 8.90 15.54 51.31
CA ARG B 299 7.55 15.45 51.91
C ARG B 299 6.71 16.61 51.38
N PHE B 300 5.50 16.34 50.92
CA PHE B 300 4.68 17.28 50.16
C PHE B 300 3.93 18.26 51.04
N PRO B 301 3.33 19.34 50.46
CA PRO B 301 2.35 20.10 51.23
C PRO B 301 1.06 19.31 51.41
N SER B 302 0.19 19.76 52.31
CA SER B 302 -1.04 19.03 52.62
C SER B 302 -2.05 19.08 51.46
N HIS B 303 -2.11 20.23 50.78
CA HIS B 303 -3.09 20.45 49.72
C HIS B 303 -2.75 19.74 48.40
N PHE B 304 -1.62 19.03 48.40
CA PHE B 304 -1.15 18.30 47.22
C PHE B 304 -1.99 17.06 46.95
N SER B 305 -2.54 16.98 45.73
CA SER B 305 -3.34 15.83 45.30
C SER B 305 -2.50 14.56 45.37
N SER B 306 -3.14 13.46 45.77
CA SER B 306 -2.49 12.16 45.85
C SER B 306 -1.98 11.69 44.48
N ASP B 307 -2.72 12.03 43.41
CA ASP B 307 -2.27 11.75 42.04
C ASP B 307 -1.04 12.56 41.73
N LEU B 308 -1.09 13.84 42.07
CA LEU B 308 0.05 14.74 41.91
C LEU B 308 1.23 14.26 42.77
N LYS B 309 0.93 13.73 43.94
CA LYS B 309 1.94 13.09 44.80
C LYS B 309 2.55 11.86 44.11
N ASP B 310 1.72 11.03 43.49
CA ASP B 310 2.16 9.81 42.80
C ASP B 310 3.11 10.12 41.65
N LEU B 311 2.79 11.15 40.86
CA LEU B 311 3.65 11.56 39.76
C LEU B 311 5.00 12.09 40.29
N LEU B 312 4.95 12.86 41.36
CA LEU B 312 6.15 13.48 41.87
C LEU B 312 7.06 12.44 42.52
N ARG B 313 6.48 11.47 43.21
CA ARG B 313 7.22 10.33 43.77
C ARG B 313 7.94 9.55 42.65
N ASN B 314 7.30 9.50 41.48
CA ASN B 314 7.86 8.87 40.29
C ASN B 314 8.95 9.63 39.52
N LEU B 315 8.76 10.93 39.33
CA LEU B 315 9.73 11.77 38.63
C LEU B 315 10.93 12.11 39.51
N LEU B 316 10.65 12.49 40.76
CA LEU B 316 11.69 12.71 41.76
C LEU B 316 12.04 11.38 42.39
N GLN B 317 12.98 10.68 41.75
CA GLN B 317 13.37 9.33 42.12
C GLN B 317 14.86 9.18 41.89
N VAL B 318 15.63 9.14 42.98
CA VAL B 318 17.09 8.98 42.92
C VAL B 318 17.51 7.71 42.17
N ASP B 319 16.62 6.72 42.18
CA ASP B 319 16.84 5.50 41.44
C ASP B 319 16.47 5.76 39.98
N LEU B 320 17.46 6.14 39.18
CA LEU B 320 17.24 6.45 37.75
C LEU B 320 16.90 5.24 36.87
N THR B 321 16.80 4.07 37.48
CA THR B 321 16.22 2.89 36.83
C THR B 321 14.75 2.73 37.22
N LYS B 322 14.32 3.54 38.19
CA LYS B 322 12.95 3.57 38.67
C LYS B 322 12.31 4.96 38.46
N ARG B 323 12.84 5.73 37.51
CA ARG B 323 12.37 7.11 37.29
C ARG B 323 11.46 7.20 36.09
N PHE B 324 10.29 7.83 36.28
CA PHE B 324 9.36 8.10 35.19
C PHE B 324 9.99 8.98 34.12
N GLY B 325 9.98 8.46 32.90
CA GLY B 325 10.73 9.04 31.79
C GLY B 325 11.76 8.12 31.16
N ASN B 326 12.38 7.30 31.99
CA ASN B 326 13.39 6.37 31.55
C ASN B 326 13.04 4.94 31.92
N LEU B 327 11.90 4.47 31.44
CA LEU B 327 11.44 3.12 31.69
C LEU B 327 11.38 2.72 30.23
N LYS B 328 10.80 1.56 29.94
CA LYS B 328 10.57 1.15 28.53
C LYS B 328 9.56 1.95 27.68
N ASN B 329 8.57 2.52 28.37
CA ASN B 329 7.51 3.32 27.68
C ASN B 329 8.01 4.73 27.61
N GLY B 330 9.13 5.00 28.29
CA GLY B 330 9.77 6.31 28.24
C GLY B 330 8.86 7.46 28.61
N VAL B 331 8.63 8.34 27.63
CA VAL B 331 7.84 9.57 27.82
C VAL B 331 6.39 9.28 28.17
N ASN B 332 5.87 8.21 27.56
CA ASN B 332 4.46 7.84 27.63
C ASN B 332 3.96 7.57 29.04
N ASP B 333 4.84 7.03 29.89
CA ASP B 333 4.53 6.81 31.31
C ASP B 333 3.90 7.92 32.14
N ILE B 334 4.41 9.13 32.01
CA ILE B 334 3.79 10.34 32.62
C ILE B 334 2.72 11.11 31.77
N LYS B 335 2.68 10.70 30.50
CA LYS B 335 1.69 11.23 29.56
C LYS B 335 0.44 10.45 29.88
N ASN B 336 0.61 9.18 30.26
CA ASN B 336 -0.53 8.30 30.56
C ASN B 336 -0.85 8.24 32.05
N HIS B 337 -0.10 8.99 32.85
CA HIS B 337 -0.30 9.03 34.31
C HIS B 337 -1.65 9.66 34.70
N LYS B 338 -2.16 9.21 35.86
CA LYS B 338 -3.47 9.61 36.38
C LYS B 338 -3.69 11.13 36.49
N TRP B 339 -2.61 11.87 36.73
CA TRP B 339 -2.66 13.33 36.83
C TRP B 339 -2.82 14.03 35.46
N PHE B 340 -2.50 13.31 34.40
CA PHE B 340 -2.54 13.85 33.03
C PHE B 340 -3.66 13.28 32.14
N ALA B 341 -4.66 12.67 32.77
CA ALA B 341 -5.83 12.14 32.05
C ALA B 341 -6.68 13.22 31.42
N THR B 342 -6.69 14.39 32.07
CA THR B 342 -7.52 15.52 31.66
C THR B 342 -6.80 16.48 30.71
N THR B 343 -5.69 16.02 30.12
CA THR B 343 -4.92 16.86 29.21
C THR B 343 -4.90 16.28 27.80
N ASP B 344 -5.26 17.13 26.84
CA ASP B 344 -5.22 16.79 25.44
C ASP B 344 -3.92 17.27 24.82
N TRP B 345 -2.95 16.36 24.75
CA TRP B 345 -1.58 16.68 24.34
C TRP B 345 -1.45 17.31 22.96
N ILE B 346 -2.14 16.73 21.97
CA ILE B 346 -2.11 17.18 20.59
C ILE B 346 -2.75 18.56 20.45
N ALA B 347 -3.77 18.80 21.29
CA ALA B 347 -4.46 20.09 21.31
C ALA B 347 -3.59 21.11 22.02
N ILE B 348 -2.89 20.67 23.07
CA ILE B 348 -1.86 21.51 23.72
C ILE B 348 -0.85 21.92 22.66
N TYR B 349 -0.43 20.94 21.86
CA TYR B 349 0.49 21.18 20.76
C TYR B 349 -0.01 22.21 19.75
N GLN B 350 -1.25 22.02 19.27
CA GLN B 350 -1.89 22.96 18.33
C GLN B 350 -2.02 24.38 18.88
N ARG B 351 -1.90 24.52 20.20
CA ARG B 351 -2.20 25.75 20.93
C ARG B 351 -3.71 26.06 21.02
N LYS B 352 -4.53 25.04 20.81
CA LYS B 352 -5.99 25.18 20.80
C LYS B 352 -6.61 24.97 22.18
N VAL B 353 -5.78 25.03 23.22
CA VAL B 353 -6.26 24.95 24.62
C VAL B 353 -6.35 26.33 25.29
N GLU B 354 -7.46 26.60 25.96
CA GLU B 354 -7.64 27.86 26.71
C GLU B 354 -6.57 28.10 27.79
N ALA B 355 -5.80 29.17 27.61
CA ALA B 355 -4.71 29.53 28.54
C ALA B 355 -5.35 29.93 29.86
N PRO B 356 -4.74 29.52 30.99
CA PRO B 356 -5.26 29.89 32.31
C PRO B 356 -4.98 31.34 32.65
N PHE B 357 -3.92 31.90 32.06
CA PHE B 357 -3.51 33.28 32.23
C PHE B 357 -2.87 33.90 30.98
N ILE B 358 -3.26 35.14 30.65
CA ILE B 358 -2.63 35.89 29.57
C ILE B 358 -2.10 37.20 30.14
N PRO B 359 -0.78 37.43 30.03
CA PRO B 359 -0.13 38.65 30.50
C PRO B 359 -0.51 39.86 29.64
#